data_3BI0
#
_entry.id   3BI0
#
_cell.length_a   102.405
_cell.length_b   130.797
_cell.length_c   159.140
_cell.angle_alpha   90.00
_cell.angle_beta   90.00
_cell.angle_gamma   90.00
#
_symmetry.space_group_name_H-M   'I 2 2 2'
#
loop_
_entity.id
_entity.type
_entity.pdbx_description
1 polymer 'Glutamate carboxypeptidase 2'
2 branched 2-acetamido-2-deoxy-beta-D-glucopyranose-(1-4)-2-acetamido-2-deoxy-beta-D-glucopyranose
3 branched alpha-D-mannopyranose-(1-3)-beta-D-mannopyranose-(1-4)-2-acetamido-2-deoxy-beta-D-glucopyranose-(1-4)-2-acetamido-2-deoxy-beta-D-glucopyranose
4 non-polymer 2-acetamido-2-deoxy-beta-D-glucopyranose
5 non-polymer 'ZINC ION'
6 non-polymer 'CALCIUM ION'
7 non-polymer 'CHLORIDE ION'
8 non-polymer '(2S)-2-{[(S)-[(3S)-3-amino-3-carboxypropyl](hydroxy)phosphoryl]methyl}pentanedioic acid'
9 water water
#
_entity_poly.entity_id   1
_entity_poly.type   'polypeptide(L)'
_entity_poly.pdbx_seq_one_letter_code
;RSKSSNEATNITPKHNMKAFLDELKAENIKKFLYNFTQIPHLAGTEQNFQLAKQIQSQWKEFGLDSVELAHYDVLLSYPN
KTHPNYISIINEDGNEIFNTSLFEPPPPGYENVSDIVPPFSAFSPQGMPEGDLVYVNYARTEDFFKLERDMKINCSGKIV
IARYGKVFRGNKVKNAQLAGAKGVILYSDPADYFAPGVKSYPDGWNLPGGGVQRGNILNLNGAGDPLTPGYPANEYAYRR
GIAEAVGLPSIPVHPIGYYDAQKLLEKMGGSAPPDSSWRGSLKVPYNVGPGFTGNFSTQKVKMHIHSTNEVTRIYNVIGT
LRGAVEPDRYVILGGHRDSWVFGGIDPQSGAAVVHEIVRSFGTLKKEGWRPRRTILFASWDAEEFGLLGSTEWAEENSRL
LQERGVAYINADSSIEGNYTLRVDCTPLMYSLVHNLTKELKSPDEGFEGKSLYESWTKKSPSPEFSGMPRISKLGSGNDF
EVFFQRLGIASGRARYTKNWETNKFSGYPLYHSVYETYELVEKFYDPMFKYHLTVAQVRGGMVFELANSIVLPFDCRDYA
VVLRKYADKIYSISMKHPQEMKTYSVSFDSLFSAVKNFTEIASKFSERLQDFDKSNPIVLRMMNDQLMFLERAFIDPLGL
PDRPFYRHVIYAPSSHNKYAGESFPGIYDALFDIESKVDPSKAWGEVKRQIYVAAFTVQAAAETLSEVA
;
_entity_poly.pdbx_strand_id   A
#
loop_
_chem_comp.id
_chem_comp.type
_chem_comp.name
_chem_comp.formula
BIX non-polymer '(2S)-2-{[(S)-[(3S)-3-amino-3-carboxypropyl](hydroxy)phosphoryl]methyl}pentanedioic acid' 'C10 H18 N O8 P'
BMA D-saccharide, beta linking beta-D-mannopyranose 'C6 H12 O6'
CA non-polymer 'CALCIUM ION' 'Ca 2'
CL non-polymer 'CHLORIDE ION' 'Cl -1'
MAN D-saccharide, alpha linking alpha-D-mannopyranose 'C6 H12 O6'
NAG D-saccharide, beta linking 2-acetamido-2-deoxy-beta-D-glucopyranose 'C8 H15 N O6'
ZN non-polymer 'ZINC ION' 'Zn 2'
#
# COMPACT_ATOMS: atom_id res chain seq x y z
N LYS A 14 34.52 -5.47 15.04
CA LYS A 14 34.10 -6.21 13.78
C LYS A 14 33.01 -5.46 12.98
N HIS A 15 32.88 -5.80 11.69
CA HIS A 15 31.82 -5.26 10.83
C HIS A 15 30.79 -6.33 10.51
N ASN A 16 29.82 -6.48 11.41
CA ASN A 16 28.80 -7.50 11.31
C ASN A 16 27.45 -6.84 11.55
N MET A 17 26.37 -7.63 11.64
CA MET A 17 25.06 -7.01 11.72
C MET A 17 24.99 -6.17 13.02
N LYS A 18 25.56 -6.69 14.11
CA LYS A 18 25.53 -5.97 15.40
C LYS A 18 26.15 -4.56 15.29
N ALA A 19 27.30 -4.45 14.62
CA ALA A 19 27.97 -3.16 14.37
C ALA A 19 27.00 -2.23 13.64
N PHE A 20 26.37 -2.74 12.60
CA PHE A 20 25.40 -1.94 11.87
C PHE A 20 24.24 -1.44 12.75
N LEU A 21 23.59 -2.38 13.46
CA LEU A 21 22.43 -2.10 14.27
C LEU A 21 22.81 -1.12 15.39
N ASP A 22 23.98 -1.29 15.99
CA ASP A 22 24.28 -0.45 17.18
C ASP A 22 24.54 1.00 16.78
N GLU A 23 24.94 1.22 15.52
CA GLU A 23 25.20 2.54 15.04
C GLU A 23 23.90 3.36 14.92
N LEU A 24 22.77 2.68 14.75
CA LEU A 24 21.45 3.35 14.60
C LEU A 24 21.05 4.07 15.92
N LYS A 25 20.62 5.34 15.83
CA LYS A 25 20.23 6.17 17.01
C LYS A 25 18.84 6.78 16.91
N ALA A 26 17.99 6.55 17.92
CA ALA A 26 16.71 7.22 18.09
C ALA A 26 16.83 8.73 17.93
N GLU A 27 17.86 9.31 18.54
CA GLU A 27 18.09 10.77 18.48
C GLU A 27 18.25 11.31 17.03
N ASN A 28 18.93 10.52 16.19
CA ASN A 28 19.18 10.90 14.81
C ASN A 28 17.89 10.84 14.01
N ILE A 29 17.10 9.80 14.26
CA ILE A 29 15.78 9.63 13.60
C ILE A 29 14.89 10.81 13.96
N LYS A 30 14.90 11.19 15.25
CA LYS A 30 14.13 12.36 15.71
C LYS A 30 14.57 13.63 14.98
N LYS A 31 15.88 13.89 14.91
CA LYS A 31 16.40 15.07 14.19
C LYS A 31 15.98 15.11 12.71
N PHE A 32 16.03 13.96 12.06
CA PHE A 32 15.68 13.94 10.63
C PHE A 32 14.17 14.13 10.45
N LEU A 33 13.38 13.52 11.31
CA LEU A 33 11.92 13.69 11.23
C LEU A 33 11.58 15.19 11.36
N TYR A 34 12.09 15.85 12.41
CA TYR A 34 11.93 17.29 12.52
C TYR A 34 12.31 18.02 11.22
N ASN A 35 13.47 17.69 10.65
CA ASN A 35 14.02 18.36 9.47
C ASN A 35 13.13 18.18 8.23
N PHE A 36 12.45 17.03 8.14
CA PHE A 36 11.66 16.72 6.94
C PHE A 36 10.21 17.18 7.02
N THR A 37 9.80 17.80 8.15
CA THR A 37 8.39 18.00 8.36
C THR A 37 7.99 19.46 8.70
N GLN A 38 8.92 20.39 8.49
CA GLN A 38 8.67 21.83 8.81
C GLN A 38 7.82 22.53 7.76
N ILE A 39 7.86 22.05 6.51
CA ILE A 39 7.04 22.62 5.43
C ILE A 39 6.39 21.49 4.60
N PRO A 40 5.31 21.81 3.84
CA PRO A 40 4.78 20.69 3.03
C PRO A 40 5.77 20.27 1.92
N HIS A 41 5.69 18.99 1.54
CA HIS A 41 6.48 18.46 0.44
C HIS A 41 5.61 17.72 -0.59
N LEU A 42 4.64 18.44 -1.12
CA LEU A 42 3.71 17.89 -2.11
C LEU A 42 4.47 17.54 -3.40
N ALA A 43 4.20 16.36 -3.97
CA ALA A 43 4.85 15.99 -5.22
C ALA A 43 4.64 17.08 -6.31
N GLY A 44 5.71 17.35 -7.06
CA GLY A 44 5.73 18.23 -8.20
C GLY A 44 5.88 19.68 -7.79
N THR A 45 6.05 19.93 -6.50
CA THR A 45 6.31 21.34 -6.05
C THR A 45 7.80 21.58 -5.80
N GLU A 46 8.19 22.87 -5.75
CA GLU A 46 9.58 23.26 -5.61
C GLU A 46 10.17 22.80 -4.26
N GLN A 47 9.35 22.84 -3.20
CA GLN A 47 9.75 22.44 -1.85
C GLN A 47 10.15 20.96 -1.88
N ASN A 48 9.42 20.15 -2.69
CA ASN A 48 9.80 18.70 -2.72
C ASN A 48 11.07 18.40 -3.56
N PHE A 49 11.27 19.18 -4.61
CA PHE A 49 12.52 19.17 -5.41
C PHE A 49 13.66 19.62 -4.52
N GLN A 50 13.43 20.68 -3.72
CA GLN A 50 14.54 21.09 -2.83
C GLN A 50 14.90 20.01 -1.79
N LEU A 51 13.89 19.33 -1.26
CA LEU A 51 14.18 18.26 -0.33
C LEU A 51 14.91 17.09 -1.04
N ALA A 52 14.45 16.73 -2.24
CA ALA A 52 15.23 15.76 -3.06
C ALA A 52 16.73 16.08 -3.13
N LYS A 53 17.05 17.34 -3.45
CA LYS A 53 18.44 17.76 -3.59
C LYS A 53 19.19 17.69 -2.25
N GLN A 54 18.48 17.99 -1.16
CA GLN A 54 19.07 17.89 0.19
C GLN A 54 19.44 16.44 0.53
N ILE A 55 18.47 15.53 0.31
CA ILE A 55 18.70 14.11 0.52
C ILE A 55 19.87 13.59 -0.36
N GLN A 56 19.90 13.99 -1.62
CA GLN A 56 20.96 13.59 -2.55
C GLN A 56 22.32 14.02 -1.98
N SER A 57 22.40 15.28 -1.57
CA SER A 57 23.61 15.75 -0.88
C SER A 57 24.05 15.00 0.39
N GLN A 58 23.11 14.75 1.29
CA GLN A 58 23.37 14.08 2.53
C GLN A 58 23.77 12.63 2.31
N TRP A 59 23.10 11.94 1.37
CA TRP A 59 23.48 10.56 1.09
C TRP A 59 24.91 10.44 0.55
N LYS A 60 25.32 11.42 -0.25
CA LYS A 60 26.73 11.49 -0.73
C LYS A 60 27.66 11.68 0.48
N GLU A 61 27.33 12.65 1.33
CA GLU A 61 28.12 12.93 2.54
C GLU A 61 28.20 11.72 3.46
N PHE A 62 27.10 10.97 3.57
CA PHE A 62 27.05 9.76 4.41
C PHE A 62 27.98 8.63 3.89
N GLY A 63 28.38 8.70 2.63
CA GLY A 63 29.38 7.78 2.07
C GLY A 63 28.94 6.87 0.92
N LEU A 64 27.72 7.05 0.41
CA LEU A 64 27.29 6.20 -0.71
C LEU A 64 28.18 6.41 -1.95
N ASP A 65 28.38 5.35 -2.74
CA ASP A 65 29.19 5.46 -3.95
C ASP A 65 28.69 6.40 -5.03
N SER A 66 27.39 6.40 -5.27
CA SER A 66 26.81 7.35 -6.21
C SER A 66 25.40 7.68 -5.73
N VAL A 67 24.97 8.91 -6.02
CA VAL A 67 23.61 9.32 -5.68
C VAL A 67 23.11 10.23 -6.77
N GLU A 68 22.08 9.78 -7.47
CA GLU A 68 21.55 10.54 -8.60
C GLU A 68 20.07 10.85 -8.44
N LEU A 69 19.61 11.90 -9.10
CA LEU A 69 18.17 12.13 -9.19
C LEU A 69 17.71 11.49 -10.51
N ALA A 70 16.61 10.75 -10.46
CA ALA A 70 16.02 10.18 -11.69
C ALA A 70 14.67 10.93 -11.82
N HIS A 71 14.52 11.78 -12.86
CA HIS A 71 13.28 12.55 -13.01
C HIS A 71 12.40 11.99 -14.13
N TYR A 72 11.11 12.29 -14.05
CA TYR A 72 10.09 11.87 -15.03
C TYR A 72 9.06 12.98 -15.06
N ASP A 73 8.29 13.04 -16.15
CA ASP A 73 7.17 14.01 -16.27
C ASP A 73 5.89 13.24 -16.34
N VAL A 74 5.14 13.29 -15.24
CA VAL A 74 3.95 12.45 -15.06
C VAL A 74 2.67 13.25 -14.81
N LEU A 75 1.52 12.62 -15.04
CA LEU A 75 0.23 13.33 -14.79
C LEU A 75 0.00 13.47 -13.27
N LEU A 76 0.02 14.72 -12.78
CA LEU A 76 -0.41 15.04 -11.40
C LEU A 76 -1.73 15.86 -11.40
N SER A 77 -2.26 16.13 -10.20
CA SER A 77 -3.58 16.81 -10.09
C SER A 77 -3.54 17.79 -8.91
N TYR A 78 -4.07 19.00 -9.12
CA TYR A 78 -4.04 20.03 -8.05
C TYR A 78 -5.30 20.88 -8.11
N PRO A 79 -5.74 21.34 -6.93
CA PRO A 79 -6.88 22.27 -6.96
C PRO A 79 -6.50 23.56 -7.69
N ASN A 80 -7.51 24.28 -8.17
CA ASN A 80 -7.30 25.63 -8.73
C ASN A 80 -7.24 26.65 -7.55
N LYS A 81 -6.08 27.28 -7.37
CA LYS A 81 -5.85 28.25 -6.27
C LYS A 81 -6.86 29.43 -6.25
N THR A 82 -7.36 29.81 -7.41
CA THR A 82 -8.30 30.95 -7.50
C THR A 82 -9.78 30.55 -7.79
N HIS A 83 -10.08 29.26 -7.71
CA HIS A 83 -11.43 28.77 -7.97
C HIS A 83 -11.66 27.51 -7.10
N PRO A 84 -11.87 27.71 -5.78
CA PRO A 84 -11.85 26.59 -4.81
C PRO A 84 -12.97 25.57 -4.92
N ASN A 85 -12.63 24.34 -4.53
CA ASN A 85 -13.57 23.24 -4.49
C ASN A 85 -14.43 23.34 -3.23
N TYR A 86 -15.73 23.09 -3.37
CA TYR A 86 -16.59 22.98 -2.20
C TYR A 86 -17.90 22.31 -2.58
N ILE A 87 -18.66 21.94 -1.55
CA ILE A 87 -19.95 21.33 -1.76
C ILE A 87 -20.99 22.24 -1.06
N SER A 88 -22.17 22.33 -1.65
CA SER A 88 -23.28 23.09 -1.04
C SER A 88 -24.55 22.28 -0.86
N ILE A 89 -25.41 22.70 0.10
CA ILE A 89 -26.84 22.34 -0.01
C ILE A 89 -27.46 23.57 -0.68
N ILE A 90 -28.22 23.31 -1.74
CA ILE A 90 -28.83 24.35 -2.58
C ILE A 90 -30.37 24.25 -2.44
N ASN A 91 -31.04 25.39 -2.20
CA ASN A 91 -32.51 25.34 -2.07
C ASN A 91 -33.20 25.45 -3.43
N GLU A 92 -34.53 25.25 -3.41
CA GLU A 92 -35.42 25.46 -4.55
C GLU A 92 -34.99 26.53 -5.56
N ASP A 93 -34.54 27.68 -5.06
CA ASP A 93 -34.24 28.86 -5.88
C ASP A 93 -32.78 28.92 -6.36
N GLY A 94 -31.99 27.92 -6.00
CA GLY A 94 -30.58 27.91 -6.37
C GLY A 94 -29.70 28.73 -5.43
N ASN A 95 -30.23 29.06 -4.23
CA ASN A 95 -29.41 29.67 -3.18
C ASN A 95 -28.63 28.56 -2.48
N GLU A 96 -27.33 28.78 -2.31
CA GLU A 96 -26.49 27.85 -1.55
C GLU A 96 -26.60 28.21 -0.08
N ILE A 97 -27.37 27.40 0.64
CA ILE A 97 -27.68 27.67 2.04
C ILE A 97 -26.65 27.12 3.04
N PHE A 98 -25.79 26.21 2.59
CA PHE A 98 -24.71 25.69 3.43
C PHE A 98 -23.56 25.38 2.49
N ASN A 99 -22.36 25.75 2.90
CA ASN A 99 -21.15 25.43 2.10
C ASN A 99 -20.18 24.67 2.97
N THR A 100 -19.58 23.61 2.41
CA THR A 100 -18.48 22.97 3.16
C THR A 100 -17.25 23.89 3.22
N SER A 101 -16.34 23.58 4.13
CA SER A 101 -15.13 24.37 4.36
C SER A 101 -14.17 24.48 3.16
N LEU A 102 -13.46 25.60 3.02
CA LEU A 102 -12.48 25.76 1.95
C LEU A 102 -11.05 25.31 2.36
N PHE A 103 -10.83 25.08 3.65
CA PHE A 103 -9.52 24.62 4.16
C PHE A 103 -9.69 24.07 5.56
N GLU A 104 -8.71 23.30 6.03
CA GLU A 104 -8.73 22.80 7.40
C GLU A 104 -8.16 23.90 8.33
N PRO A 105 -8.81 24.19 9.48
CA PRO A 105 -8.17 25.15 10.41
C PRO A 105 -6.73 24.73 10.77
N PRO A 106 -5.76 25.60 10.51
CA PRO A 106 -4.40 25.10 10.73
C PRO A 106 -4.08 24.91 12.20
N PRO A 107 -3.17 23.95 12.50
CA PRO A 107 -2.83 23.74 13.90
C PRO A 107 -1.97 24.86 14.50
N PRO A 108 -1.86 24.87 15.84
CA PRO A 108 -1.09 25.90 16.56
C PRO A 108 0.32 26.15 16.05
N GLY A 109 0.62 27.40 15.70
CA GLY A 109 1.92 27.79 15.28
C GLY A 109 2.15 27.61 13.77
N TYR A 110 1.18 27.00 13.08
CA TYR A 110 1.22 26.79 11.61
C TYR A 110 0.17 27.59 10.89
N GLU A 111 -0.53 28.44 11.62
CA GLU A 111 -1.62 29.16 11.02
C GLU A 111 -1.10 30.19 9.99
N ASN A 112 0.22 30.39 9.92
CA ASN A 112 0.84 31.23 8.88
C ASN A 112 1.73 30.50 7.83
N VAL A 113 1.75 29.18 7.89
CA VAL A 113 2.47 28.37 6.90
C VAL A 113 1.80 28.47 5.50
N SER A 114 2.60 28.72 4.49
CA SER A 114 2.05 28.79 3.15
C SER A 114 2.10 27.43 2.42
N ASP A 115 1.33 27.35 1.34
CA ASP A 115 1.41 26.22 0.40
C ASP A 115 0.85 24.93 1.06
N ILE A 116 -0.06 25.07 2.02
CA ILE A 116 -0.85 23.90 2.44
C ILE A 116 -1.96 23.63 1.43
N VAL A 117 -1.87 22.51 0.68
CA VAL A 117 -2.90 22.22 -0.29
C VAL A 117 -4.25 21.97 0.42
N PRO A 118 -5.33 22.69 0.03
CA PRO A 118 -6.61 22.40 0.69
C PRO A 118 -7.06 20.96 0.40
N PRO A 119 -7.91 20.40 1.27
CA PRO A 119 -8.42 19.05 1.01
C PRO A 119 -9.04 18.93 -0.40
N PHE A 120 -8.66 17.87 -1.12
CA PHE A 120 -9.29 17.57 -2.41
C PHE A 120 -9.03 16.08 -2.70
N SER A 121 -9.74 15.57 -3.72
CA SER A 121 -9.55 14.15 -4.18
C SER A 121 -8.70 14.25 -5.47
N ALA A 122 -7.42 13.84 -5.42
CA ALA A 122 -6.57 13.99 -6.62
C ALA A 122 -7.12 13.14 -7.76
N PHE A 123 -7.15 13.74 -8.94
CA PHE A 123 -7.60 13.22 -10.26
C PHE A 123 -9.10 13.27 -10.46
N SER A 124 -9.82 13.85 -9.48
CA SER A 124 -11.26 14.11 -9.74
C SER A 124 -11.36 14.94 -11.08
N PRO A 125 -12.33 14.59 -11.95
CA PRO A 125 -12.66 15.50 -13.05
C PRO A 125 -13.36 16.77 -12.51
N GLN A 126 -13.37 17.80 -13.34
CA GLN A 126 -14.16 19.01 -13.05
C GLN A 126 -15.65 18.78 -13.25
N GLY A 127 -16.47 19.51 -12.49
CA GLY A 127 -17.90 19.42 -12.68
C GLY A 127 -18.62 20.17 -11.58
N MET A 128 -19.91 20.43 -11.81
CA MET A 128 -20.79 21.00 -10.77
C MET A 128 -22.13 20.25 -10.74
N PRO A 129 -22.10 18.91 -10.59
CA PRO A 129 -23.33 18.11 -10.51
C PRO A 129 -24.24 18.51 -9.31
N GLU A 130 -25.55 18.58 -9.53
CA GLU A 130 -26.51 18.78 -8.43
C GLU A 130 -27.49 17.65 -8.40
N GLY A 131 -27.81 17.17 -7.20
CA GLY A 131 -28.74 16.06 -7.12
C GLY A 131 -29.06 15.62 -5.73
N ASP A 132 -29.75 14.50 -5.64
CA ASP A 132 -30.16 13.94 -4.36
C ASP A 132 -29.11 12.96 -3.88
N LEU A 133 -28.92 12.96 -2.56
CA LEU A 133 -27.94 12.13 -1.90
C LEU A 133 -28.44 10.70 -1.68
N VAL A 134 -27.49 9.74 -1.80
CA VAL A 134 -27.70 8.39 -1.30
C VAL A 134 -26.48 8.08 -0.44
N TYR A 135 -26.75 7.59 0.76
CA TYR A 135 -25.70 7.17 1.67
C TYR A 135 -25.37 5.68 1.46
N VAL A 136 -24.09 5.40 1.20
CA VAL A 136 -23.67 4.04 0.78
C VAL A 136 -22.68 3.32 1.75
N ASN A 137 -22.68 3.74 3.02
CA ASN A 137 -21.84 3.17 4.06
C ASN A 137 -20.38 3.36 3.58
N TYR A 138 -19.59 2.29 3.52
CA TYR A 138 -18.21 2.42 3.07
C TYR A 138 -18.03 2.31 1.56
N ALA A 139 -19.13 2.21 0.82
CA ALA A 139 -19.12 2.10 -0.64
C ALA A 139 -18.30 0.87 -1.11
N ARG A 140 -18.30 -0.16 -0.27
CA ARG A 140 -17.69 -1.46 -0.66
C ARG A 140 -18.59 -2.23 -1.64
N THR A 141 -18.01 -3.27 -2.26
CA THR A 141 -18.78 -4.08 -3.19
C THR A 141 -20.06 -4.62 -2.51
N GLU A 142 -19.92 -5.12 -1.29
CA GLU A 142 -21.05 -5.70 -0.54
C GLU A 142 -22.05 -4.61 -0.10
N ASP A 143 -21.57 -3.38 0.09
CA ASP A 143 -22.51 -2.24 0.40
C ASP A 143 -23.42 -1.93 -0.78
N PHE A 144 -22.83 -1.90 -1.99
CA PHE A 144 -23.59 -1.71 -3.20
C PHE A 144 -24.48 -2.91 -3.52
N PHE A 145 -24.01 -4.13 -3.29
CA PHE A 145 -24.91 -5.32 -3.38
C PHE A 145 -26.18 -5.13 -2.52
N LYS A 146 -25.99 -4.76 -1.25
CA LYS A 146 -27.07 -4.55 -0.26
C LYS A 146 -28.08 -3.50 -0.76
N LEU A 147 -27.58 -2.35 -1.22
CA LEU A 147 -28.40 -1.28 -1.77
C LEU A 147 -29.25 -1.70 -2.96
N GLU A 148 -28.58 -2.29 -3.95
CA GLU A 148 -29.18 -2.56 -5.24
C GLU A 148 -30.01 -3.86 -5.21
N ARG A 149 -29.47 -4.91 -4.59
CA ARG A 149 -30.09 -6.23 -4.60
C ARG A 149 -31.13 -6.44 -3.50
N ASP A 150 -30.84 -5.96 -2.29
CA ASP A 150 -31.70 -6.22 -1.15
C ASP A 150 -32.65 -5.06 -0.90
N MET A 151 -32.16 -3.84 -0.99
CA MET A 151 -32.97 -2.67 -0.65
C MET A 151 -33.63 -2.05 -1.86
N LYS A 152 -33.24 -2.52 -3.05
CA LYS A 152 -33.74 -2.00 -4.31
C LYS A 152 -33.60 -0.49 -4.47
N ILE A 153 -32.51 0.08 -3.93
CA ILE A 153 -32.23 1.50 -4.11
C ILE A 153 -31.32 1.68 -5.32
N ASN A 154 -31.65 2.64 -6.15
CA ASN A 154 -30.97 2.87 -7.41
C ASN A 154 -30.10 4.14 -7.34
N CYS A 155 -28.78 3.97 -7.49
CA CYS A 155 -27.85 5.11 -7.40
C CYS A 155 -27.71 5.93 -8.66
N SER A 156 -28.28 5.44 -9.76
CA SER A 156 -28.16 6.12 -11.04
C SER A 156 -28.55 7.60 -10.98
N GLY A 157 -27.63 8.48 -11.39
CA GLY A 157 -27.86 9.92 -11.36
C GLY A 157 -27.94 10.56 -9.97
N LYS A 158 -27.62 9.79 -8.92
CA LYS A 158 -27.55 10.32 -7.55
C LYS A 158 -26.11 10.71 -7.21
N ILE A 159 -25.99 11.62 -6.25
CA ILE A 159 -24.71 11.90 -5.59
C ILE A 159 -24.59 10.95 -4.43
N VAL A 160 -23.51 10.19 -4.42
CA VAL A 160 -23.35 9.25 -3.33
C VAL A 160 -22.47 9.87 -2.24
N ILE A 161 -22.83 9.64 -0.99
CA ILE A 161 -21.97 9.96 0.12
C ILE A 161 -21.55 8.68 0.88
N ALA A 162 -20.22 8.57 1.08
CA ALA A 162 -19.63 7.37 1.66
C ALA A 162 -18.65 7.74 2.76
N ARG A 163 -18.61 6.97 3.84
CA ARG A 163 -17.59 7.14 4.85
C ARG A 163 -16.29 6.45 4.43
N TYR A 164 -15.20 7.16 4.67
CA TYR A 164 -13.87 6.58 4.52
C TYR A 164 -13.73 5.37 5.43
N GLY A 165 -12.86 4.43 5.04
CA GLY A 165 -12.54 3.31 5.94
C GLY A 165 -12.65 1.96 5.19
N LYS A 166 -11.98 0.93 5.73
CA LYS A 166 -12.20 -0.50 5.33
C LYS A 166 -11.54 -0.84 3.99
N VAL A 167 -11.69 0.03 3.00
CA VAL A 167 -11.06 -0.19 1.66
C VAL A 167 -10.42 1.06 1.05
N PHE A 168 -9.50 0.86 0.08
CA PHE A 168 -8.92 1.99 -0.63
C PHE A 168 -9.98 2.90 -1.25
N ARG A 169 -9.80 4.23 -1.12
CA ARG A 169 -10.84 5.17 -1.64
C ARG A 169 -11.13 5.08 -3.18
N GLY A 170 -10.12 4.70 -3.97
CA GLY A 170 -10.32 4.53 -5.38
C GLY A 170 -11.32 3.41 -5.68
N ASN A 171 -11.28 2.31 -4.88
CA ASN A 171 -12.28 1.24 -5.01
C ASN A 171 -13.72 1.76 -4.79
N LYS A 172 -13.88 2.61 -3.76
CA LYS A 172 -15.19 3.25 -3.47
C LYS A 172 -15.70 4.03 -4.69
N VAL A 173 -14.83 4.85 -5.31
CA VAL A 173 -15.19 5.66 -6.44
C VAL A 173 -15.53 4.79 -7.67
N LYS A 174 -14.74 3.75 -7.90
CA LYS A 174 -15.00 2.82 -8.99
C LYS A 174 -16.39 2.18 -8.75
N ASN A 175 -16.68 1.79 -7.51
CA ASN A 175 -17.96 1.12 -7.20
C ASN A 175 -19.13 2.11 -7.41
N ALA A 176 -18.92 3.35 -6.94
CA ALA A 176 -19.93 4.42 -7.17
C ALA A 176 -20.20 4.66 -8.64
N GLN A 177 -19.14 4.74 -9.45
CA GLN A 177 -19.24 4.99 -10.89
C GLN A 177 -20.03 3.87 -11.54
N LEU A 178 -19.74 2.62 -11.18
CA LEU A 178 -20.45 1.51 -11.80
C LEU A 178 -21.90 1.32 -11.31
N ALA A 179 -22.24 1.89 -10.17
CA ALA A 179 -23.63 2.01 -9.70
C ALA A 179 -24.37 3.16 -10.39
N GLY A 180 -23.69 3.90 -11.25
CA GLY A 180 -24.30 5.02 -11.99
C GLY A 180 -24.36 6.37 -11.28
N ALA A 181 -23.65 6.50 -10.14
CA ALA A 181 -23.53 7.80 -9.42
C ALA A 181 -23.04 8.94 -10.30
N LYS A 182 -23.46 10.18 -9.98
CA LYS A 182 -22.94 11.30 -10.76
C LYS A 182 -21.92 12.14 -10.00
N GLY A 183 -21.60 11.70 -8.80
CA GLY A 183 -20.64 12.37 -7.96
C GLY A 183 -20.47 11.56 -6.70
N VAL A 184 -19.36 11.79 -5.99
CA VAL A 184 -19.09 11.09 -4.74
C VAL A 184 -18.52 12.07 -3.71
N ILE A 185 -19.08 12.00 -2.51
CA ILE A 185 -18.61 12.77 -1.35
C ILE A 185 -18.08 11.78 -0.34
N LEU A 186 -16.81 11.93 0.03
CA LEU A 186 -16.15 11.04 0.98
C LEU A 186 -16.07 11.83 2.26
N TYR A 187 -16.29 11.17 3.39
CA TYR A 187 -16.11 11.83 4.69
C TYR A 187 -15.55 10.92 5.77
N SER A 188 -14.96 11.54 6.80
CA SER A 188 -14.39 10.80 7.91
C SER A 188 -15.41 10.70 9.08
N ASP A 189 -15.97 9.51 9.28
CA ASP A 189 -16.90 9.35 10.40
C ASP A 189 -16.14 9.17 11.72
N PRO A 190 -16.59 9.83 12.83
CA PRO A 190 -15.92 9.58 14.10
C PRO A 190 -15.88 8.10 14.49
N ALA A 191 -16.82 7.28 14.02
CA ALA A 191 -16.80 5.85 14.37
C ALA A 191 -15.45 5.20 13.94
N ASP A 192 -14.93 5.68 12.83
CA ASP A 192 -13.71 5.13 12.21
C ASP A 192 -12.46 5.96 12.50
N TYR A 193 -12.67 7.23 12.85
CA TYR A 193 -11.55 8.17 13.00
C TYR A 193 -11.50 8.97 14.34
N PHE A 194 -12.23 8.51 15.35
CA PHE A 194 -12.16 9.16 16.64
C PHE A 194 -12.20 8.07 17.71
N ALA A 195 -11.06 7.76 18.29
CA ALA A 195 -10.97 6.70 19.28
C ALA A 195 -11.61 7.20 20.59
N PRO A 196 -12.45 6.36 21.21
CA PRO A 196 -13.09 6.71 22.49
C PRO A 196 -12.07 7.13 23.55
N GLY A 197 -12.34 8.25 24.22
CA GLY A 197 -11.56 8.63 25.38
C GLY A 197 -10.27 9.35 25.08
N VAL A 198 -10.06 9.75 23.83
CA VAL A 198 -8.85 10.48 23.45
C VAL A 198 -9.27 11.85 22.88
N LYS A 199 -8.43 12.84 23.10
CA LYS A 199 -8.76 14.18 22.69
C LYS A 199 -8.36 14.44 21.22
N SER A 200 -9.14 15.31 20.56
CA SER A 200 -8.83 15.87 19.23
C SER A 200 -7.48 16.56 19.21
N TYR A 201 -6.81 16.54 18.04
CA TYR A 201 -5.62 17.35 17.85
C TYR A 201 -5.97 18.84 18.10
N PRO A 202 -5.09 19.61 18.78
CA PRO A 202 -3.71 19.43 19.24
C PRO A 202 -3.49 18.79 20.61
N ASP A 203 -4.55 18.37 21.29
CA ASP A 203 -4.45 17.90 22.66
C ASP A 203 -4.46 16.38 22.77
N GLY A 204 -4.62 15.72 21.61
CA GLY A 204 -4.49 14.28 21.54
C GLY A 204 -4.38 13.90 20.07
N TRP A 205 -4.52 12.60 19.81
CA TRP A 205 -4.27 12.13 18.42
C TRP A 205 -5.50 11.88 17.59
N ASN A 206 -6.68 12.29 18.10
CA ASN A 206 -7.92 12.18 17.34
C ASN A 206 -8.10 13.26 16.27
N LEU A 207 -9.00 12.94 15.32
CA LEU A 207 -9.33 13.80 14.19
C LEU A 207 -10.39 14.82 14.66
N PRO A 208 -10.10 16.13 14.55
CA PRO A 208 -11.11 17.17 14.79
C PRO A 208 -12.22 17.16 13.75
N GLY A 209 -13.37 17.75 14.09
CA GLY A 209 -14.46 17.83 13.13
C GLY A 209 -14.18 18.57 11.83
N GLY A 210 -13.16 19.42 11.84
CA GLY A 210 -12.78 20.24 10.68
C GLY A 210 -11.68 19.55 9.84
N GLY A 211 -11.18 18.43 10.36
CA GLY A 211 -10.04 17.68 9.70
C GLY A 211 -10.58 16.92 8.49
N VAL A 212 -9.72 16.76 7.48
CA VAL A 212 -10.12 16.09 6.24
C VAL A 212 -8.92 15.27 5.71
N GLN A 213 -9.27 14.11 5.18
CA GLN A 213 -8.31 13.18 4.57
C GLN A 213 -8.25 13.40 3.07
N ARG A 214 -7.13 13.97 2.61
CA ARG A 214 -6.76 14.04 1.17
C ARG A 214 -6.47 12.59 0.68
N GLY A 215 -6.35 12.49 -0.63
CA GLY A 215 -5.86 11.22 -1.26
C GLY A 215 -6.37 11.03 -2.67
N ASN A 216 -5.54 10.31 -3.46
CA ASN A 216 -5.92 10.07 -4.82
C ASN A 216 -7.02 9.00 -4.95
N ILE A 217 -7.75 9.05 -6.06
CA ILE A 217 -8.94 8.18 -6.25
C ILE A 217 -8.81 7.45 -7.58
N LEU A 218 -7.55 7.26 -8.00
CA LEU A 218 -7.28 6.53 -9.30
C LEU A 218 -7.59 5.02 -9.16
N ASN A 219 -7.80 4.34 -10.30
CA ASN A 219 -7.81 2.84 -10.34
C ASN A 219 -6.81 2.43 -11.42
N LEU A 220 -5.52 2.51 -11.08
CA LEU A 220 -4.40 2.30 -12.02
C LEU A 220 -4.06 0.82 -12.25
N ASN A 221 -4.46 -0.04 -11.28
CA ASN A 221 -4.08 -1.49 -11.35
C ASN A 221 -2.63 -1.73 -11.74
N GLY A 222 -1.75 -0.95 -11.12
CA GLY A 222 -0.32 -1.13 -11.31
C GLY A 222 0.32 -0.41 -12.50
N ALA A 223 -0.44 0.42 -13.24
CA ALA A 223 0.09 1.01 -14.48
C ALA A 223 1.16 2.09 -14.27
N GLY A 224 1.11 2.78 -13.13
CA GLY A 224 2.00 3.95 -12.94
C GLY A 224 1.41 5.24 -13.55
N ASP A 225 2.25 6.14 -14.06
CA ASP A 225 1.74 7.35 -14.73
C ASP A 225 0.57 7.03 -15.67
N PRO A 226 -0.59 7.70 -15.48
CA PRO A 226 -1.72 7.39 -16.33
C PRO A 226 -1.43 7.47 -17.84
N LEU A 227 -0.50 8.34 -18.22
CA LEU A 227 -0.28 8.61 -19.64
C LEU A 227 0.73 7.70 -20.41
N THR A 228 1.50 6.93 -19.64
CA THR A 228 2.61 6.14 -20.22
C THR A 228 2.68 4.68 -19.70
N PRO A 229 1.55 3.97 -19.73
CA PRO A 229 1.60 2.58 -19.17
C PRO A 229 2.61 1.71 -19.96
N GLY A 230 3.49 1.05 -19.21
CA GLY A 230 4.49 0.15 -19.79
C GLY A 230 5.88 0.73 -20.04
N TYR A 231 5.99 2.07 -20.07
CA TYR A 231 7.27 2.70 -20.47
C TYR A 231 7.57 3.95 -19.59
N PRO A 232 8.86 4.23 -19.31
CA PRO A 232 9.14 5.38 -18.42
C PRO A 232 8.73 6.71 -19.05
N ALA A 233 8.22 7.63 -18.21
CA ALA A 233 7.73 8.94 -18.66
C ALA A 233 8.96 9.89 -18.78
N ASN A 234 9.88 9.53 -19.69
CA ASN A 234 11.12 10.30 -19.90
C ASN A 234 10.87 11.47 -20.89
N GLU A 235 11.95 12.07 -21.41
CA GLU A 235 11.82 13.31 -22.18
C GLU A 235 11.16 13.05 -23.53
N TYR A 236 11.43 11.90 -24.12
CA TYR A 236 10.85 11.64 -25.44
C TYR A 236 9.61 10.75 -25.46
N ALA A 237 9.04 10.44 -24.29
CA ALA A 237 7.93 9.51 -24.17
C ALA A 237 6.74 9.94 -24.99
N TYR A 238 6.06 8.97 -25.61
CA TYR A 238 4.77 9.25 -26.26
C TYR A 238 3.70 9.12 -25.18
N ARG A 239 2.81 10.09 -25.10
CA ARG A 239 1.77 10.08 -24.06
C ARG A 239 0.45 9.84 -24.68
N ARG A 240 -0.34 9.02 -24.02
CA ARG A 240 -1.75 8.89 -24.35
C ARG A 240 -2.44 10.24 -24.18
N GLY A 241 -3.49 10.46 -24.99
CA GLY A 241 -4.41 11.57 -24.77
C GLY A 241 -5.13 11.30 -23.46
N ILE A 242 -5.53 12.38 -22.78
CA ILE A 242 -6.27 12.26 -21.54
C ILE A 242 -7.47 11.30 -21.66
N ALA A 243 -8.16 11.28 -22.80
CA ALA A 243 -9.32 10.40 -22.93
C ALA A 243 -8.98 8.92 -22.91
N GLU A 244 -7.73 8.57 -23.26
CA GLU A 244 -7.22 7.18 -23.21
C GLU A 244 -6.33 6.89 -21.96
N ALA A 245 -6.23 7.87 -21.06
CA ALA A 245 -5.40 7.71 -19.85
C ALA A 245 -5.92 6.54 -18.98
N VAL A 246 -5.00 5.97 -18.20
CA VAL A 246 -5.35 4.87 -17.36
C VAL A 246 -5.87 5.33 -16.00
N GLY A 247 -7.04 4.81 -15.61
CA GLY A 247 -7.46 4.84 -14.21
C GLY A 247 -8.20 6.08 -13.69
N LEU A 248 -8.45 7.03 -14.58
CA LEU A 248 -9.08 8.30 -14.12
C LEU A 248 -10.56 8.12 -13.88
N PRO A 249 -11.09 8.74 -12.79
CA PRO A 249 -12.50 8.65 -12.46
C PRO A 249 -13.30 9.51 -13.42
N SER A 250 -14.55 9.10 -13.68
CA SER A 250 -15.41 9.80 -14.64
C SER A 250 -16.41 10.74 -13.97
N ILE A 251 -16.41 10.76 -12.64
CA ILE A 251 -17.37 11.60 -11.86
C ILE A 251 -16.61 12.42 -10.83
N PRO A 252 -17.11 13.65 -10.52
CA PRO A 252 -16.41 14.45 -9.50
C PRO A 252 -16.43 13.86 -8.11
N VAL A 253 -15.36 14.08 -7.32
CA VAL A 253 -15.25 13.49 -6.01
C VAL A 253 -14.62 14.53 -5.09
N HIS A 254 -15.06 14.58 -3.82
CA HIS A 254 -14.50 15.55 -2.87
C HIS A 254 -14.59 15.04 -1.43
N PRO A 255 -13.52 15.22 -0.60
CA PRO A 255 -13.56 14.74 0.78
C PRO A 255 -13.90 15.90 1.77
N ILE A 256 -14.58 15.54 2.86
CA ILE A 256 -15.01 16.51 3.90
C ILE A 256 -14.83 15.89 5.28
N GLY A 257 -14.79 16.77 6.30
CA GLY A 257 -14.79 16.38 7.70
C GLY A 257 -16.18 16.08 8.28
N TYR A 258 -16.23 15.65 9.54
CA TYR A 258 -17.51 15.18 10.06
C TYR A 258 -18.45 16.33 10.55
N TYR A 259 -17.90 17.48 10.91
CA TYR A 259 -18.80 18.68 11.05
C TYR A 259 -19.61 18.96 9.78
N ASP A 260 -18.92 19.01 8.63
CA ASP A 260 -19.59 19.18 7.33
C ASP A 260 -20.50 17.99 6.96
N ALA A 261 -20.00 16.77 7.23
CA ALA A 261 -20.77 15.57 6.89
C ALA A 261 -22.12 15.57 7.63
N GLN A 262 -22.07 15.95 8.91
CA GLN A 262 -23.25 16.02 9.78
C GLN A 262 -24.33 16.91 9.14
N LYS A 263 -23.92 18.04 8.58
CA LYS A 263 -24.83 18.95 7.90
C LYS A 263 -25.48 18.33 6.67
N LEU A 264 -24.75 17.47 5.97
CA LEU A 264 -25.26 16.82 4.75
C LEU A 264 -26.12 15.60 5.09
N LEU A 265 -25.78 14.89 6.15
CA LEU A 265 -26.49 13.67 6.54
C LEU A 265 -27.77 13.93 7.37
N GLU A 266 -27.76 14.99 8.18
CA GLU A 266 -28.84 15.17 9.15
C GLU A 266 -30.26 15.24 8.53
N LYS A 267 -30.37 15.78 7.32
CA LYS A 267 -31.66 15.93 6.66
C LYS A 267 -32.09 14.71 5.86
N MET A 268 -31.24 13.69 5.78
CA MET A 268 -31.53 12.54 4.91
C MET A 268 -32.80 11.74 5.23
N GLY A 269 -33.55 11.45 4.18
CA GLY A 269 -34.78 10.67 4.27
C GLY A 269 -34.72 9.35 3.54
N GLY A 270 -35.81 9.03 2.82
CA GLY A 270 -36.00 7.70 2.23
C GLY A 270 -35.82 6.59 3.26
N SER A 271 -35.18 5.50 2.84
CA SER A 271 -35.14 4.27 3.63
C SER A 271 -34.21 4.35 4.84
N ALA A 272 -34.53 3.61 5.91
CA ALA A 272 -33.66 3.55 7.07
C ALA A 272 -32.40 2.71 6.74
N PRO A 273 -31.32 2.84 7.54
CA PRO A 273 -30.15 1.97 7.36
C PRO A 273 -30.59 0.52 7.55
N PRO A 274 -30.07 -0.41 6.73
CA PRO A 274 -30.56 -1.80 6.80
C PRO A 274 -30.24 -2.48 8.12
N ASP A 275 -29.19 -2.03 8.80
CA ASP A 275 -28.78 -2.60 10.07
C ASP A 275 -27.72 -1.72 10.70
N SER A 276 -27.24 -2.11 11.88
CA SER A 276 -26.36 -1.26 12.68
C SER A 276 -24.94 -1.06 12.11
N SER A 277 -24.47 -2.01 11.28
CA SER A 277 -23.12 -1.93 10.67
C SER A 277 -23.06 -0.78 9.66
N TRP A 278 -24.23 -0.22 9.32
CA TRP A 278 -24.33 0.97 8.46
C TRP A 278 -24.37 2.30 9.25
N ARG A 279 -24.47 2.22 10.58
CA ARG A 279 -24.58 3.43 11.40
C ARG A 279 -23.23 3.81 11.94
N GLY A 280 -22.79 5.04 11.63
CA GLY A 280 -21.59 5.60 12.28
C GLY A 280 -21.89 6.20 13.66
N SER A 281 -21.06 7.16 14.10
CA SER A 281 -21.18 7.71 15.46
C SER A 281 -21.79 9.11 15.53
N LEU A 282 -22.18 9.66 14.39
CA LEU A 282 -22.80 10.98 14.38
C LEU A 282 -24.27 10.88 14.87
N LYS A 283 -24.77 12.00 15.39
CA LYS A 283 -26.15 12.05 15.87
C LYS A 283 -27.05 12.32 14.68
N VAL A 284 -27.16 11.30 13.82
CA VAL A 284 -28.02 11.32 12.66
C VAL A 284 -28.59 9.91 12.46
N PRO A 285 -29.70 9.81 11.69
CA PRO A 285 -30.34 8.50 11.48
C PRO A 285 -29.52 7.54 10.59
N TYR A 286 -28.69 8.07 9.70
CA TYR A 286 -27.94 7.25 8.69
C TYR A 286 -28.91 6.61 7.69
N ASN A 287 -30.01 7.33 7.42
CA ASN A 287 -30.93 6.95 6.35
C ASN A 287 -30.20 6.90 5.03
N VAL A 288 -30.60 5.97 4.18
CA VAL A 288 -29.94 5.76 2.90
C VAL A 288 -30.37 6.74 1.82
N GLY A 289 -31.54 7.38 1.98
CA GLY A 289 -32.06 8.21 0.90
C GLY A 289 -32.89 7.38 -0.06
N PRO A 290 -32.99 7.80 -1.32
CA PRO A 290 -32.40 9.03 -1.84
C PRO A 290 -33.04 10.29 -1.25
N GLY A 291 -32.29 11.39 -1.23
CA GLY A 291 -32.84 12.70 -0.85
C GLY A 291 -33.13 12.94 0.62
N PHE A 292 -33.66 14.14 0.90
CA PHE A 292 -33.90 14.64 2.25
C PHE A 292 -35.36 14.39 2.67
N THR A 293 -35.61 14.42 3.98
CA THR A 293 -36.95 14.27 4.57
C THR A 293 -37.92 15.37 4.08
N GLY A 294 -39.22 15.03 4.06
CA GLY A 294 -40.30 15.88 3.54
C GLY A 294 -40.13 17.39 3.49
N ASN A 295 -39.82 17.99 4.64
CA ASN A 295 -39.64 19.45 4.72
C ASN A 295 -38.54 20.04 3.81
N PHE A 296 -37.51 19.23 3.54
CA PHE A 296 -36.36 19.67 2.77
C PHE A 296 -36.28 18.98 1.41
N SER A 297 -37.35 18.29 1.05
CA SER A 297 -37.35 17.42 -0.11
C SER A 297 -37.01 18.12 -1.42
N THR A 298 -37.07 19.44 -1.47
CA THR A 298 -36.75 20.18 -2.69
C THR A 298 -35.32 20.77 -2.69
N GLN A 299 -34.66 20.68 -1.54
CA GLN A 299 -33.23 20.99 -1.44
C GLN A 299 -32.41 19.89 -2.15
N LYS A 300 -31.31 20.28 -2.78
CA LYS A 300 -30.39 19.34 -3.44
C LYS A 300 -28.96 19.53 -2.88
N VAL A 301 -28.05 18.66 -3.30
CA VAL A 301 -26.63 18.84 -3.00
C VAL A 301 -25.91 19.18 -4.30
N LYS A 302 -25.00 20.14 -4.26
CA LYS A 302 -24.32 20.59 -5.44
C LYS A 302 -22.79 20.60 -5.20
N MET A 303 -22.05 19.90 -6.04
CA MET A 303 -20.60 19.87 -5.89
C MET A 303 -20.00 20.95 -6.80
N HIS A 304 -18.86 21.49 -6.41
CA HIS A 304 -18.12 22.42 -7.27
C HIS A 304 -16.66 22.00 -7.30
N ILE A 305 -16.29 21.32 -8.39
CA ILE A 305 -14.92 20.78 -8.50
C ILE A 305 -14.21 21.36 -9.70
N HIS A 306 -13.04 21.95 -9.44
CA HIS A 306 -12.34 22.69 -10.48
C HIS A 306 -10.85 22.34 -10.61
N SER A 307 -10.49 21.20 -9.99
CA SER A 307 -9.08 20.77 -9.99
C SER A 307 -8.65 20.46 -11.41
N THR A 308 -7.35 20.55 -11.66
CA THR A 308 -6.79 20.26 -12.99
C THR A 308 -5.68 19.20 -12.95
N ASN A 309 -5.64 18.36 -13.97
CA ASN A 309 -4.59 17.36 -14.11
C ASN A 309 -3.53 18.01 -14.99
N GLU A 310 -2.28 17.87 -14.62
CA GLU A 310 -1.22 18.61 -15.24
C GLU A 310 0.06 17.73 -15.28
N VAL A 311 0.67 17.58 -16.45
CA VAL A 311 1.96 16.83 -16.50
C VAL A 311 3.05 17.66 -15.81
N THR A 312 3.72 17.05 -14.82
CA THR A 312 4.59 17.74 -13.90
C THR A 312 5.85 16.90 -13.61
N ARG A 313 7.01 17.54 -13.40
CA ARG A 313 8.25 16.81 -13.20
C ARG A 313 8.29 16.32 -11.76
N ILE A 314 8.77 15.10 -11.59
CA ILE A 314 8.96 14.50 -10.25
C ILE A 314 10.39 13.96 -10.22
N TYR A 315 10.87 13.71 -9.00
CA TYR A 315 12.27 13.39 -8.76
C TYR A 315 12.47 12.29 -7.75
N ASN A 316 13.01 11.14 -8.19
CA ASN A 316 13.46 10.11 -7.25
C ASN A 316 14.94 10.28 -6.89
N VAL A 317 15.32 10.02 -5.66
CA VAL A 317 16.79 9.97 -5.33
C VAL A 317 17.16 8.50 -5.28
N ILE A 318 18.22 8.14 -6.00
CA ILE A 318 18.69 6.74 -6.09
C ILE A 318 20.18 6.71 -5.66
N GLY A 319 20.43 6.09 -4.53
CA GLY A 319 21.79 5.94 -3.93
C GLY A 319 22.29 4.52 -4.10
N THR A 320 23.56 4.35 -4.39
CA THR A 320 24.13 3.04 -4.64
C THR A 320 25.28 2.81 -3.70
N LEU A 321 25.27 1.66 -3.06
CA LEU A 321 26.42 1.18 -2.31
C LEU A 321 26.86 -0.13 -2.98
N ARG A 322 27.91 -0.05 -3.78
CA ARG A 322 28.37 -1.21 -4.57
C ARG A 322 28.82 -2.43 -3.74
N GLY A 323 28.32 -3.62 -4.09
CA GLY A 323 28.69 -4.87 -3.40
C GLY A 323 30.15 -5.26 -3.70
N ALA A 324 30.78 -5.91 -2.73
CA ALA A 324 32.23 -6.26 -2.81
C ALA A 324 32.42 -7.51 -3.68
N VAL A 325 31.43 -8.41 -3.63
CA VAL A 325 31.57 -9.78 -4.22
C VAL A 325 30.55 -9.96 -5.38
N GLU A 326 29.28 -9.61 -5.09
CA GLU A 326 28.23 -9.69 -6.14
C GLU A 326 27.59 -8.33 -6.45
N PRO A 327 28.33 -7.39 -7.10
CA PRO A 327 27.85 -6.04 -7.42
C PRO A 327 26.63 -6.07 -8.35
N ASP A 328 26.45 -7.19 -9.05
CA ASP A 328 25.32 -7.30 -10.00
C ASP A 328 24.13 -8.02 -9.34
N ARG A 329 23.99 -7.90 -8.02
CA ARG A 329 22.84 -8.39 -7.33
C ARG A 329 22.42 -7.25 -6.43
N TYR A 330 21.14 -6.91 -6.53
CA TYR A 330 20.61 -5.69 -5.89
C TYR A 330 19.61 -6.02 -4.81
N VAL A 331 19.85 -5.40 -3.65
CA VAL A 331 18.92 -5.44 -2.56
C VAL A 331 18.48 -3.96 -2.39
N ILE A 332 17.18 -3.69 -2.42
CA ILE A 332 16.68 -2.33 -2.56
C ILE A 332 15.93 -1.96 -1.31
N LEU A 333 16.27 -0.80 -0.73
CA LEU A 333 15.47 -0.25 0.40
C LEU A 333 14.83 1.05 -0.09
N GLY A 334 13.53 1.09 -0.18
CA GLY A 334 12.89 2.26 -0.83
C GLY A 334 11.67 2.74 -0.09
N GLY A 335 11.41 4.06 -0.16
CA GLY A 335 10.15 4.52 0.45
C GLY A 335 9.96 5.93 -0.07
N HIS A 336 8.72 6.46 0.06
CA HIS A 336 8.53 7.77 -0.60
C HIS A 336 8.89 8.97 0.26
N ARG A 337 9.02 10.09 -0.44
CA ARG A 337 9.40 11.38 0.16
C ARG A 337 8.25 12.41 0.09
N ASP A 338 7.38 12.28 -0.91
CA ASP A 338 6.29 13.29 -1.15
C ASP A 338 5.21 13.06 -0.08
N SER A 339 4.58 14.15 0.40
CA SER A 339 3.53 14.04 1.41
C SER A 339 2.36 14.90 0.88
N TRP A 340 1.20 14.74 1.49
CA TRP A 340 -0.01 15.58 1.15
C TRP A 340 0.24 16.95 1.77
N VAL A 341 0.60 16.94 3.03
CA VAL A 341 0.98 18.22 3.69
C VAL A 341 2.36 18.05 4.39
N PHE A 342 2.39 18.00 5.72
CA PHE A 342 3.66 17.96 6.42
C PHE A 342 4.24 16.57 6.45
N GLY A 343 3.36 15.56 6.39
CA GLY A 343 3.83 14.15 6.36
C GLY A 343 4.54 13.67 7.62
N GLY A 344 4.11 14.20 8.79
CA GLY A 344 4.74 13.81 10.07
C GLY A 344 4.79 12.32 10.29
N ILE A 345 3.74 11.60 9.85
CA ILE A 345 3.84 10.13 9.86
C ILE A 345 4.15 9.64 8.41
N ASP A 346 3.27 10.02 7.53
CA ASP A 346 3.26 9.45 6.15
C ASP A 346 3.81 10.51 5.16
N PRO A 347 5.08 10.38 4.67
CA PRO A 347 5.99 9.22 4.86
C PRO A 347 7.16 9.54 5.74
N GLN A 348 7.20 10.72 6.39
CA GLN A 348 8.50 11.10 6.96
C GLN A 348 9.01 10.28 8.15
N SER A 349 8.11 9.60 8.82
CA SER A 349 8.53 8.71 9.90
C SER A 349 9.26 7.53 9.27
N GLY A 350 8.92 7.20 8.01
CA GLY A 350 9.71 6.16 7.29
C GLY A 350 10.99 6.71 6.65
N ALA A 351 10.91 7.88 6.00
CA ALA A 351 12.03 8.53 5.34
C ALA A 351 13.17 8.84 6.31
N ALA A 352 12.79 9.25 7.52
CA ALA A 352 13.79 9.51 8.59
C ALA A 352 14.54 8.25 8.97
N VAL A 353 13.80 7.12 9.01
CA VAL A 353 14.36 5.78 9.30
C VAL A 353 15.35 5.39 8.17
N VAL A 354 14.93 5.58 6.91
CA VAL A 354 15.82 5.27 5.78
C VAL A 354 17.11 6.11 5.86
N HIS A 355 16.95 7.39 6.20
CA HIS A 355 18.05 8.33 6.26
C HIS A 355 19.05 7.84 7.29
N GLU A 356 18.56 7.38 8.43
CA GLU A 356 19.46 6.88 9.50
C GLU A 356 20.11 5.54 9.14
N ILE A 357 19.39 4.73 8.35
CA ILE A 357 19.97 3.47 7.85
C ILE A 357 21.12 3.71 6.86
N VAL A 358 20.93 4.65 5.94
CA VAL A 358 21.98 5.08 4.99
C VAL A 358 23.20 5.58 5.77
N ARG A 359 22.93 6.45 6.76
CA ARG A 359 24.01 6.97 7.62
C ARG A 359 24.82 5.83 8.27
N SER A 360 24.13 4.83 8.86
CA SER A 360 24.80 3.71 9.52
C SER A 360 25.60 2.87 8.52
N PHE A 361 24.98 2.48 7.38
CA PHE A 361 25.73 1.73 6.36
C PHE A 361 26.95 2.54 5.91
N GLY A 362 26.80 3.86 5.74
CA GLY A 362 27.88 4.72 5.31
C GLY A 362 29.02 4.78 6.33
N THR A 363 28.69 4.70 7.61
CA THR A 363 29.70 4.67 8.69
C THR A 363 30.59 3.43 8.55
N LEU A 364 29.98 2.27 8.35
CA LEU A 364 30.75 1.05 8.09
C LEU A 364 31.60 1.16 6.83
N LYS A 365 31.03 1.72 5.78
CA LYS A 365 31.75 1.84 4.53
C LYS A 365 32.99 2.72 4.71
N LYS A 366 32.87 3.79 5.49
CA LYS A 366 34.03 4.68 5.70
C LYS A 366 35.18 4.00 6.42
N GLU A 367 34.84 2.96 7.19
CA GLU A 367 35.81 2.09 7.92
C GLU A 367 36.32 0.92 7.09
N GLY A 368 35.98 0.93 5.81
CA GLY A 368 36.47 -0.04 4.83
C GLY A 368 35.57 -1.21 4.47
N TRP A 369 34.38 -1.25 5.05
CA TRP A 369 33.48 -2.38 4.82
C TRP A 369 32.65 -2.11 3.55
N ARG A 370 32.27 -3.19 2.89
CA ARG A 370 31.29 -3.13 1.78
C ARG A 370 30.40 -4.33 1.96
N PRO A 371 29.09 -4.17 1.58
CA PRO A 371 28.28 -5.38 1.66
C PRO A 371 28.67 -6.36 0.53
N ARG A 372 28.28 -7.60 0.70
CA ARG A 372 28.53 -8.68 -0.29
C ARG A 372 27.86 -8.27 -1.64
N ARG A 373 26.55 -8.01 -1.57
CA ARG A 373 25.75 -7.54 -2.75
C ARG A 373 25.53 -6.02 -2.70
N THR A 374 25.21 -5.46 -3.88
CA THR A 374 24.89 -4.05 -4.03
C THR A 374 23.58 -3.71 -3.27
N ILE A 375 23.63 -2.58 -2.56
CA ILE A 375 22.43 -2.07 -1.95
C ILE A 375 22.06 -0.76 -2.61
N LEU A 376 20.79 -0.68 -3.03
CA LEU A 376 20.24 0.54 -3.68
C LEU A 376 19.26 1.12 -2.66
N PHE A 377 19.33 2.44 -2.48
CA PHE A 377 18.44 3.17 -1.55
C PHE A 377 17.62 4.15 -2.40
N ALA A 378 16.31 4.25 -2.16
CA ALA A 378 15.49 5.12 -3.00
C ALA A 378 14.57 5.99 -2.11
N SER A 379 14.48 7.24 -2.55
CA SER A 379 13.52 8.24 -2.00
C SER A 379 12.57 8.50 -3.16
N TRP A 380 11.40 7.84 -3.17
CA TRP A 380 10.53 7.89 -4.32
C TRP A 380 9.64 9.16 -4.27
N ASP A 381 9.31 9.64 -5.46
CA ASP A 381 8.45 10.82 -5.55
C ASP A 381 7.03 10.39 -6.00
N ALA A 382 6.05 11.27 -5.78
CA ALA A 382 4.70 11.11 -6.35
C ALA A 382 4.03 9.76 -5.95
N GLU A 383 4.43 9.22 -4.82
CA GLU A 383 3.81 7.96 -4.25
C GLU A 383 2.36 8.24 -3.98
N GLU A 384 2.11 9.45 -3.45
CA GLU A 384 0.72 9.81 -3.06
C GLU A 384 -0.25 9.93 -4.26
N PHE A 385 0.33 10.11 -5.46
CA PHE A 385 -0.46 10.26 -6.65
C PHE A 385 -0.62 8.97 -7.48
N GLY A 386 -0.28 7.84 -6.85
CA GLY A 386 -0.47 6.53 -7.47
C GLY A 386 0.82 5.73 -7.65
N LEU A 387 1.77 5.84 -6.73
CA LEU A 387 3.04 5.02 -6.79
C LEU A 387 3.79 5.38 -8.07
N LEU A 388 3.68 6.65 -8.45
CA LEU A 388 4.20 7.06 -9.79
C LEU A 388 5.73 6.98 -9.92
N GLY A 389 6.45 7.52 -8.97
CA GLY A 389 7.94 7.58 -9.01
C GLY A 389 8.58 6.18 -9.03
N SER A 390 8.14 5.30 -8.08
CA SER A 390 8.74 3.94 -8.01
C SER A 390 8.40 3.25 -9.37
N THR A 391 7.15 3.41 -9.81
CA THR A 391 6.69 2.67 -11.03
C THR A 391 7.45 3.08 -12.26
N GLU A 392 7.56 4.39 -12.50
CA GLU A 392 8.32 4.88 -13.66
C GLU A 392 9.80 4.41 -13.62
N TRP A 393 10.45 4.47 -12.45
CA TRP A 393 11.85 4.01 -12.30
C TRP A 393 11.97 2.52 -12.64
N ALA A 394 11.03 1.73 -12.10
CA ALA A 394 10.99 0.27 -12.37
C ALA A 394 10.73 0.00 -13.85
N GLU A 395 9.82 0.75 -14.47
CA GLU A 395 9.63 0.65 -15.97
C GLU A 395 10.91 0.95 -16.73
N GLU A 396 11.65 1.96 -16.27
CA GLU A 396 12.88 2.33 -16.98
C GLU A 396 13.92 1.19 -16.80
N ASN A 397 14.00 0.59 -15.61
CA ASN A 397 15.13 -0.30 -15.23
C ASN A 397 14.71 -1.76 -15.17
N SER A 398 13.55 -2.08 -15.78
CA SER A 398 12.89 -3.41 -15.53
C SER A 398 13.86 -4.57 -15.90
N ARG A 399 14.61 -4.41 -16.99
CA ARG A 399 15.56 -5.52 -17.38
C ARG A 399 16.63 -5.75 -16.33
N LEU A 400 17.17 -4.65 -15.79
CA LEU A 400 18.13 -4.80 -14.74
C LEU A 400 17.50 -5.45 -13.47
N LEU A 401 16.34 -4.96 -13.10
CA LEU A 401 15.68 -5.49 -11.92
C LEU A 401 15.30 -6.96 -12.08
N GLN A 402 14.74 -7.32 -13.25
CA GLN A 402 14.26 -8.69 -13.64
C GLN A 402 15.43 -9.69 -13.40
N GLU A 403 16.63 -9.31 -13.86
CA GLU A 403 17.76 -10.28 -13.89
C GLU A 403 18.71 -10.16 -12.66
N ARG A 404 18.58 -9.10 -11.84
CA ARG A 404 19.54 -8.81 -10.79
C ARG A 404 18.89 -8.56 -9.43
N GLY A 405 17.57 -8.36 -9.42
CA GLY A 405 16.87 -7.96 -8.17
C GLY A 405 16.71 -9.09 -7.19
N VAL A 406 17.40 -8.99 -6.07
CA VAL A 406 17.24 -9.95 -5.01
C VAL A 406 15.97 -9.78 -4.18
N ALA A 407 15.81 -8.55 -3.66
CA ALA A 407 14.73 -8.25 -2.75
C ALA A 407 14.50 -6.73 -2.70
N TYR A 408 13.29 -6.41 -2.32
CA TYR A 408 12.86 -5.00 -2.09
C TYR A 408 12.23 -4.94 -0.70
N ILE A 409 12.74 -4.01 0.11
CA ILE A 409 12.18 -3.72 1.45
C ILE A 409 11.62 -2.30 1.38
N ASN A 410 10.34 -2.19 1.65
CA ASN A 410 9.68 -0.87 1.59
C ASN A 410 10.01 -0.09 2.88
N ALA A 411 9.78 1.24 2.87
CA ALA A 411 10.05 2.04 4.08
C ALA A 411 9.17 3.31 4.08
N ASP A 412 7.87 3.09 3.99
CA ASP A 412 6.87 4.17 4.24
C ASP A 412 6.78 4.35 5.80
N SER A 413 5.67 4.91 6.28
CA SER A 413 5.49 5.25 7.71
C SER A 413 6.02 4.17 8.69
N SER A 414 6.90 4.58 9.62
CA SER A 414 7.46 3.61 10.57
C SER A 414 6.46 3.28 11.69
N ILE A 415 5.52 4.18 11.94
CA ILE A 415 4.53 4.03 13.00
C ILE A 415 3.16 4.39 12.49
N GLU A 416 2.16 3.64 12.87
CA GLU A 416 0.78 4.07 12.67
C GLU A 416 0.05 3.83 14.01
N GLY A 417 0.84 3.51 15.02
CA GLY A 417 0.39 3.15 16.35
C GLY A 417 1.63 2.80 17.18
N ASN A 418 1.41 2.40 18.41
CA ASN A 418 2.54 2.13 19.28
C ASN A 418 2.35 0.80 20.03
N TYR A 419 1.54 -0.09 19.44
CA TYR A 419 1.12 -1.32 20.10
C TYR A 419 2.04 -2.51 19.82
N THR A 420 2.24 -2.80 18.53
CA THR A 420 3.14 -3.93 18.18
C THR A 420 3.60 -3.84 16.72
N LEU A 421 4.44 -4.79 16.32
CA LEU A 421 4.93 -4.86 14.93
C LEU A 421 3.87 -5.34 13.96
N ARG A 422 3.96 -4.88 12.72
CA ARG A 422 3.04 -5.30 11.66
C ARG A 422 3.96 -5.61 10.49
N VAL A 423 3.92 -6.86 10.01
CA VAL A 423 4.81 -7.24 8.88
C VAL A 423 3.96 -7.87 7.78
N ASP A 424 4.21 -7.47 6.53
CA ASP A 424 3.60 -8.09 5.34
C ASP A 424 4.79 -8.44 4.44
N CYS A 425 4.86 -9.68 3.95
CA CYS A 425 5.99 -10.02 3.10
C CYS A 425 5.75 -11.28 2.36
N THR A 426 6.63 -11.59 1.42
CA THR A 426 6.55 -12.89 0.78
C THR A 426 6.90 -14.03 1.75
N PRO A 427 6.28 -15.22 1.58
CA PRO A 427 6.70 -16.37 2.41
C PRO A 427 8.21 -16.61 2.40
N LEU A 428 8.89 -16.21 1.29
CA LEU A 428 10.33 -16.41 1.21
C LEU A 428 11.11 -15.72 2.35
N MET A 429 10.52 -14.66 2.91
CA MET A 429 11.20 -13.92 3.98
C MET A 429 10.73 -14.25 5.40
N TYR A 430 9.78 -15.18 5.56
CA TYR A 430 9.20 -15.49 6.90
C TYR A 430 10.30 -15.86 7.87
N SER A 431 11.18 -16.78 7.44
CA SER A 431 12.25 -17.26 8.36
C SER A 431 13.24 -16.18 8.76
N LEU A 432 13.62 -15.36 7.80
CA LEU A 432 14.49 -14.20 7.98
C LEU A 432 13.86 -13.30 9.08
N VAL A 433 12.59 -12.99 8.91
CA VAL A 433 11.90 -12.06 9.88
C VAL A 433 11.82 -12.68 11.27
N HIS A 434 11.44 -13.96 11.33
CA HIS A 434 11.36 -14.65 12.64
C HIS A 434 12.73 -14.60 13.32
N ASN A 435 13.77 -14.98 12.57
CA ASN A 435 15.13 -15.01 13.11
C ASN A 435 15.61 -13.65 13.54
N LEU A 436 15.36 -12.63 12.71
CA LEU A 436 15.90 -11.31 13.05
C LEU A 436 15.22 -10.76 14.31
N THR A 437 13.90 -10.90 14.37
CA THR A 437 13.06 -10.35 15.49
C THR A 437 13.38 -11.04 16.82
N LYS A 438 13.87 -12.28 16.74
CA LYS A 438 14.35 -12.99 17.96
C LYS A 438 15.63 -12.40 18.49
N GLU A 439 16.39 -11.68 17.67
CA GLU A 439 17.69 -11.12 18.01
C GLU A 439 17.60 -9.67 18.47
N LEU A 440 16.43 -9.06 18.29
CA LEU A 440 16.23 -7.63 18.57
C LEU A 440 15.47 -7.49 19.88
N LYS A 441 15.71 -6.39 20.59
CA LYS A 441 15.03 -6.14 21.88
C LYS A 441 13.65 -5.55 21.65
N SER A 442 12.67 -5.97 22.45
CA SER A 442 11.35 -5.35 22.41
C SER A 442 11.41 -3.93 23.00
N PRO A 443 10.72 -2.97 22.35
CA PRO A 443 10.61 -1.62 22.92
C PRO A 443 9.39 -1.49 23.84
N ASP A 444 8.57 -2.54 23.93
CA ASP A 444 7.23 -2.50 24.53
C ASP A 444 7.32 -2.46 26.06
N GLU A 445 6.46 -1.65 26.66
CA GLU A 445 6.33 -1.63 28.14
C GLU A 445 5.90 -3.02 28.62
N GLY A 446 6.57 -3.54 29.62
CA GLY A 446 6.19 -4.84 30.16
C GLY A 446 6.92 -5.98 29.48
N PHE A 447 7.71 -5.66 28.45
CA PHE A 447 8.53 -6.68 27.78
C PHE A 447 10.00 -6.31 27.84
N GLU A 448 10.40 -5.59 28.88
CA GLU A 448 11.80 -5.18 28.91
C GLU A 448 12.69 -6.41 29.15
N GLY A 449 13.82 -6.45 28.45
CA GLY A 449 14.67 -7.65 28.40
C GLY A 449 14.09 -8.86 27.63
N LYS A 450 12.95 -8.69 26.96
CA LYS A 450 12.38 -9.72 26.10
C LYS A 450 12.64 -9.35 24.64
N SER A 451 12.62 -10.37 23.77
CA SER A 451 12.85 -10.13 22.33
C SER A 451 11.61 -9.49 21.67
N LEU A 452 11.88 -8.76 20.59
CA LEU A 452 10.80 -8.28 19.70
C LEU A 452 9.92 -9.46 19.25
N TYR A 453 10.53 -10.61 18.93
CA TYR A 453 9.75 -11.78 18.52
C TYR A 453 8.71 -12.12 19.58
N GLU A 454 9.15 -12.08 20.85
CA GLU A 454 8.27 -12.47 21.97
C GLU A 454 7.08 -11.52 22.14
N SER A 455 7.35 -10.20 22.11
CA SER A 455 6.21 -9.25 22.25
C SER A 455 5.24 -9.28 21.07
N TRP A 456 5.79 -9.23 19.86
CA TRP A 456 5.01 -9.36 18.63
C TRP A 456 4.11 -10.62 18.58
N THR A 457 4.68 -11.79 18.89
CA THR A 457 3.90 -13.05 18.82
C THR A 457 2.78 -13.05 19.87
N LYS A 458 3.09 -12.51 21.05
CA LYS A 458 2.09 -12.41 22.10
C LYS A 458 0.98 -11.45 21.71
N LYS A 459 1.33 -10.26 21.20
CA LYS A 459 0.33 -9.25 20.81
C LYS A 459 -0.39 -9.47 19.47
N SER A 460 0.25 -10.19 18.54
CA SER A 460 -0.30 -10.41 17.22
C SER A 460 -0.14 -11.88 16.81
N PRO A 461 -0.88 -12.79 17.50
CA PRO A 461 -0.67 -14.21 17.28
C PRO A 461 -1.11 -14.63 15.90
N SER A 462 -0.38 -15.57 15.30
CA SER A 462 -0.79 -16.18 14.04
C SER A 462 -2.11 -16.90 14.24
N PRO A 463 -3.04 -16.73 13.29
CA PRO A 463 -4.29 -17.49 13.36
C PRO A 463 -4.04 -18.99 13.10
N GLU A 464 -3.10 -19.33 12.22
CA GLU A 464 -2.78 -20.75 11.95
C GLU A 464 -1.82 -21.49 12.92
N PHE A 465 -0.85 -20.80 13.54
CA PHE A 465 0.19 -21.49 14.34
C PHE A 465 0.47 -20.97 15.74
N SER A 466 0.60 -21.89 16.68
CA SER A 466 0.89 -21.52 18.08
C SER A 466 2.33 -21.04 18.16
N GLY A 467 2.54 -19.98 18.93
CA GLY A 467 3.90 -19.48 19.20
C GLY A 467 4.57 -18.83 18.00
N MET A 468 3.78 -18.54 16.96
CA MET A 468 4.16 -17.76 15.72
C MET A 468 3.37 -16.44 15.59
N PRO A 469 4.03 -15.37 15.10
CA PRO A 469 3.32 -14.08 14.84
C PRO A 469 2.55 -14.04 13.51
N ARG A 470 1.55 -13.14 13.39
CA ARG A 470 0.82 -12.93 12.16
C ARG A 470 1.77 -12.22 11.17
N ILE A 471 1.83 -12.74 9.94
CA ILE A 471 2.46 -11.99 8.84
C ILE A 471 1.45 -11.97 7.72
N SER A 472 1.16 -10.78 7.17
CA SER A 472 0.09 -10.62 6.21
C SER A 472 0.62 -10.67 4.76
N LYS A 473 -0.33 -10.76 3.84
CA LYS A 473 -0.02 -10.87 2.41
C LYS A 473 0.27 -9.47 1.86
N LEU A 474 0.98 -9.38 0.74
CA LEU A 474 1.14 -8.10 0.00
C LEU A 474 0.09 -7.89 -1.14
N GLY A 475 -0.56 -6.70 -1.12
CA GLY A 475 -1.46 -6.31 -2.17
C GLY A 475 -0.79 -5.12 -2.86
N SER A 476 -1.42 -3.95 -2.77
CA SER A 476 -0.82 -2.78 -3.30
C SER A 476 -1.00 -1.59 -2.32
N GLY A 477 -1.06 -0.37 -2.85
CA GLY A 477 -1.21 0.83 -2.01
C GLY A 477 0.16 1.27 -1.45
N ASN A 478 1.26 0.76 -1.99
CA ASN A 478 2.60 1.29 -1.60
C ASN A 478 3.67 0.93 -2.63
N ASP A 479 4.91 1.42 -2.43
CA ASP A 479 5.89 1.43 -3.54
C ASP A 479 6.48 0.07 -3.85
N PHE A 480 6.25 -0.92 -2.99
CA PHE A 480 6.71 -2.31 -3.34
C PHE A 480 5.89 -2.87 -4.54
N GLU A 481 4.75 -2.28 -4.91
CA GLU A 481 3.80 -2.97 -5.80
C GLU A 481 4.43 -3.31 -7.14
N VAL A 482 5.16 -2.36 -7.76
CA VAL A 482 5.74 -2.71 -9.08
C VAL A 482 6.77 -3.84 -8.97
N PHE A 483 7.58 -3.76 -7.92
CA PHE A 483 8.63 -4.79 -7.70
C PHE A 483 8.05 -6.16 -7.48
N PHE A 484 7.01 -6.25 -6.67
CA PHE A 484 6.46 -7.57 -6.28
C PHE A 484 5.43 -8.07 -7.31
N GLN A 485 4.34 -7.30 -7.50
CA GLN A 485 3.27 -7.76 -8.41
C GLN A 485 3.59 -7.74 -9.91
N ARG A 486 4.40 -6.76 -10.35
CA ARG A 486 4.70 -6.72 -11.78
C ARG A 486 5.94 -7.54 -12.11
N LEU A 487 7.03 -7.30 -11.37
CA LEU A 487 8.32 -7.89 -11.70
C LEU A 487 8.66 -9.20 -10.94
N GLY A 488 7.95 -9.50 -9.85
CA GLY A 488 8.17 -10.77 -9.13
C GLY A 488 9.51 -10.79 -8.35
N ILE A 489 9.84 -9.67 -7.69
CA ILE A 489 11.05 -9.55 -6.84
C ILE A 489 10.52 -9.72 -5.38
N ALA A 490 11.13 -10.63 -4.61
CA ALA A 490 10.77 -10.90 -3.21
C ALA A 490 10.72 -9.58 -2.43
N SER A 491 9.57 -9.29 -1.84
CA SER A 491 9.36 -7.98 -1.16
C SER A 491 8.84 -8.16 0.30
N GLY A 492 9.17 -7.14 1.14
CA GLY A 492 8.68 -7.13 2.52
C GLY A 492 8.52 -5.69 3.06
N ARG A 493 7.78 -5.59 4.14
CA ARG A 493 7.60 -4.34 4.85
C ARG A 493 7.32 -4.64 6.34
N ALA A 494 7.68 -3.66 7.20
CA ALA A 494 7.44 -3.81 8.65
C ALA A 494 7.24 -2.40 9.18
N ARG A 495 6.37 -2.29 10.16
CA ARG A 495 6.17 -0.98 10.84
C ARG A 495 5.54 -1.31 12.18
N TYR A 496 5.50 -0.29 13.04
CA TYR A 496 4.68 -0.39 14.23
C TYR A 496 3.25 0.04 13.98
N THR A 497 2.31 -0.66 14.65
CA THR A 497 0.88 -0.43 14.44
C THR A 497 0.05 -0.39 15.76
N LYS A 498 -1.23 -0.06 15.60
CA LYS A 498 -2.22 -0.04 16.69
C LYS A 498 -2.80 -1.42 16.97
N ASN A 499 -3.61 -1.52 18.02
CA ASN A 499 -4.45 -2.70 18.27
C ASN A 499 -5.64 -2.81 17.29
N TRP A 500 -6.26 -1.67 16.97
CA TRP A 500 -7.58 -1.55 16.25
C TRP A 500 -7.81 -2.47 15.02
N GLU A 501 -8.14 -3.75 15.26
CA GLU A 501 -8.21 -4.77 14.19
C GLU A 501 -8.99 -4.39 12.90
N THR A 502 -10.27 -4.06 13.06
CA THR A 502 -11.17 -3.71 11.94
C THR A 502 -10.87 -2.32 11.31
N ASN A 503 -9.99 -1.56 11.97
CA ASN A 503 -9.44 -0.33 11.39
C ASN A 503 -8.15 -0.54 10.57
N LYS A 504 -7.80 -1.82 10.31
CA LYS A 504 -6.56 -2.20 9.59
C LYS A 504 -6.27 -1.38 8.32
N PHE A 505 -7.28 -1.25 7.46
CA PHE A 505 -7.13 -0.54 6.16
C PHE A 505 -7.67 0.91 6.20
N SER A 506 -8.04 1.38 7.40
CA SER A 506 -8.74 2.71 7.47
C SER A 506 -7.80 3.93 7.66
N GLY A 507 -6.62 3.69 8.22
CA GLY A 507 -5.67 4.78 8.55
C GLY A 507 -5.89 5.14 10.02
N TYR A 508 -4.82 5.65 10.65
CA TYR A 508 -4.85 6.28 11.97
C TYR A 508 -5.68 7.57 11.83
N PRO A 509 -6.12 8.17 12.97
CA PRO A 509 -7.10 9.21 12.73
C PRO A 509 -6.70 10.43 11.91
N LEU A 510 -5.46 10.89 12.04
CA LEU A 510 -5.04 12.17 11.40
C LEU A 510 -4.44 11.93 10.02
N TYR A 511 -4.59 10.69 9.54
CA TYR A 511 -4.10 10.32 8.18
C TYR A 511 -4.45 11.38 7.09
N HIS A 512 -3.41 11.94 6.44
CA HIS A 512 -3.55 12.79 5.24
C HIS A 512 -4.23 14.17 5.52
N SER A 513 -4.17 14.54 6.80
CA SER A 513 -4.75 15.80 7.25
C SER A 513 -3.57 16.78 7.59
N VAL A 514 -3.87 18.08 7.58
CA VAL A 514 -2.88 19.08 8.01
C VAL A 514 -2.34 18.84 9.46
N TYR A 515 -3.10 18.05 10.28
CA TYR A 515 -2.72 17.81 11.70
C TYR A 515 -1.63 16.77 11.84
N GLU A 516 -1.27 16.11 10.72
CA GLU A 516 -0.26 15.06 10.81
C GLU A 516 1.11 15.73 10.78
N THR A 517 1.64 16.07 11.96
CA THR A 517 2.82 16.89 12.11
C THR A 517 3.90 16.20 12.92
N TYR A 518 5.05 16.85 12.97
CA TYR A 518 6.13 16.45 13.84
C TYR A 518 5.63 16.38 15.30
N GLU A 519 4.85 17.38 15.70
CA GLU A 519 4.32 17.38 17.11
C GLU A 519 3.41 16.22 17.44
N LEU A 520 2.57 15.84 16.48
CA LEU A 520 1.76 14.66 16.64
C LEU A 520 2.60 13.47 17.05
N VAL A 521 3.71 13.28 16.31
CA VAL A 521 4.56 12.12 16.57
C VAL A 521 5.32 12.21 17.91
N GLU A 522 6.02 13.34 18.09
CA GLU A 522 6.85 13.59 19.26
C GLU A 522 6.03 13.62 20.56
N LYS A 523 4.82 14.15 20.52
CA LYS A 523 3.98 14.24 21.73
C LYS A 523 3.16 12.96 22.00
N PHE A 524 2.54 12.39 20.95
CA PHE A 524 1.52 11.38 21.18
C PHE A 524 1.90 10.00 20.73
N TYR A 525 2.79 9.90 19.72
CA TYR A 525 3.11 8.55 19.20
C TYR A 525 4.35 7.90 19.78
N ASP A 526 5.47 8.61 19.81
CA ASP A 526 6.75 7.99 20.09
C ASP A 526 7.73 8.99 20.64
N PRO A 527 7.42 9.55 21.86
CA PRO A 527 8.26 10.64 22.36
C PRO A 527 9.74 10.31 22.46
N MET A 528 10.07 9.06 22.75
CA MET A 528 11.46 8.61 22.90
C MET A 528 12.09 8.07 21.59
N PHE A 529 11.26 8.00 20.54
CA PHE A 529 11.69 7.47 19.23
C PHE A 529 12.21 6.03 19.32
N LYS A 530 11.69 5.31 20.33
CA LYS A 530 12.10 3.90 20.52
C LYS A 530 11.39 2.99 19.51
N TYR A 531 10.17 3.34 19.13
CA TYR A 531 9.45 2.49 18.15
C TYR A 531 10.11 2.72 16.77
N HIS A 532 10.41 3.98 16.43
CA HIS A 532 11.17 4.29 15.21
C HIS A 532 12.49 3.48 15.17
N LEU A 533 13.24 3.51 16.27
CA LEU A 533 14.48 2.80 16.32
C LEU A 533 14.25 1.31 16.05
N THR A 534 13.24 0.73 16.69
CA THR A 534 12.92 -0.72 16.55
C THR A 534 12.64 -1.00 15.03
N VAL A 535 11.82 -0.15 14.41
CA VAL A 535 11.56 -0.34 12.96
C VAL A 535 12.85 -0.17 12.12
N ALA A 536 13.74 0.76 12.49
CA ALA A 536 14.98 0.94 11.74
C ALA A 536 15.79 -0.37 11.87
N GLN A 537 15.76 -0.95 13.06
CA GLN A 537 16.48 -2.23 13.27
C GLN A 537 15.90 -3.38 12.40
N VAL A 538 14.58 -3.48 12.32
CA VAL A 538 13.93 -4.53 11.51
C VAL A 538 14.23 -4.27 10.02
N ARG A 539 13.92 -3.08 9.50
CA ARG A 539 14.17 -2.78 8.06
C ARG A 539 15.65 -2.88 7.72
N GLY A 540 16.50 -2.22 8.51
CA GLY A 540 17.94 -2.22 8.26
C GLY A 540 18.55 -3.63 8.41
N GLY A 541 18.09 -4.39 9.40
CA GLY A 541 18.60 -5.73 9.67
C GLY A 541 18.22 -6.64 8.48
N MET A 542 16.96 -6.53 8.03
CA MET A 542 16.53 -7.27 6.80
C MET A 542 17.43 -6.99 5.62
N VAL A 543 17.65 -5.70 5.29
CA VAL A 543 18.55 -5.30 4.23
C VAL A 543 19.97 -5.88 4.45
N PHE A 544 20.50 -5.72 5.67
CA PHE A 544 21.79 -6.25 6.02
C PHE A 544 21.93 -7.74 5.67
N GLU A 545 21.00 -8.56 6.13
CA GLU A 545 21.06 -10.05 5.93
C GLU A 545 20.94 -10.35 4.42
N LEU A 546 19.96 -9.73 3.77
CA LEU A 546 19.79 -9.95 2.31
C LEU A 546 21.04 -9.57 1.55
N ALA A 547 21.70 -8.47 1.93
CA ALA A 547 22.81 -7.96 1.13
C ALA A 547 24.12 -8.68 1.51
N ASN A 548 24.12 -9.41 2.62
CA ASN A 548 25.42 -9.91 3.17
C ASN A 548 25.54 -11.38 3.42
N SER A 549 24.41 -12.07 3.61
CA SER A 549 24.44 -13.53 3.86
C SER A 549 25.01 -14.24 2.64
N ILE A 550 25.87 -15.24 2.87
CA ILE A 550 26.49 -15.94 1.73
C ILE A 550 25.42 -16.65 0.93
N VAL A 551 24.57 -17.39 1.61
CA VAL A 551 23.42 -18.01 0.95
C VAL A 551 22.28 -17.02 1.17
N LEU A 552 21.54 -16.67 0.11
CA LEU A 552 20.35 -15.80 0.31
C LEU A 552 19.41 -16.35 1.44
N PRO A 553 18.90 -15.44 2.34
CA PRO A 553 18.12 -15.88 3.51
C PRO A 553 16.64 -16.06 3.18
N PHE A 554 16.37 -16.92 2.18
CA PHE A 554 15.03 -17.29 1.76
C PHE A 554 14.80 -18.75 2.05
N ASP A 555 13.60 -19.11 2.49
CA ASP A 555 13.32 -20.52 2.74
C ASP A 555 12.14 -20.94 1.85
N CYS A 556 12.46 -21.65 0.76
CA CYS A 556 11.39 -22.07 -0.15
C CYS A 556 10.33 -22.97 0.48
N ARG A 557 10.67 -23.69 1.57
CA ARG A 557 9.69 -24.54 2.21
C ARG A 557 8.50 -23.75 2.82
N ASP A 558 8.77 -22.51 3.22
CA ASP A 558 7.70 -21.64 3.73
C ASP A 558 6.70 -21.31 2.61
N TYR A 559 7.19 -21.17 1.38
CA TYR A 559 6.21 -21.02 0.28
C TYR A 559 5.36 -22.28 0.13
N ALA A 560 5.98 -23.47 0.26
CA ALA A 560 5.18 -24.69 0.13
C ALA A 560 3.99 -24.79 1.13
N VAL A 561 4.25 -24.38 2.38
CA VAL A 561 3.26 -24.41 3.41
C VAL A 561 2.12 -23.45 3.08
N VAL A 562 2.45 -22.23 2.68
CA VAL A 562 1.31 -21.32 2.40
C VAL A 562 0.53 -21.69 1.15
N LEU A 563 1.22 -22.24 0.15
CA LEU A 563 0.54 -22.62 -1.10
C LEU A 563 -0.55 -23.64 -0.78
N ARG A 564 -0.27 -24.56 0.13
CA ARG A 564 -1.29 -25.51 0.55
C ARG A 564 -2.48 -24.87 1.27
N LYS A 565 -2.21 -23.95 2.18
CA LYS A 565 -3.25 -23.17 2.86
C LYS A 565 -4.10 -22.41 1.80
N TYR A 566 -3.43 -21.77 0.83
CA TYR A 566 -4.23 -21.05 -0.19
C TYR A 566 -5.02 -21.97 -1.06
N ALA A 567 -4.44 -23.12 -1.44
CA ALA A 567 -5.19 -24.09 -2.26
C ALA A 567 -6.42 -24.62 -1.46
N ASP A 568 -6.24 -24.94 -0.17
CA ASP A 568 -7.41 -25.34 0.69
C ASP A 568 -8.51 -24.24 0.69
N LYS A 569 -8.06 -23.01 0.82
CA LYS A 569 -8.97 -21.89 0.88
C LYS A 569 -9.77 -21.69 -0.40
N ILE A 570 -9.09 -21.70 -1.55
CA ILE A 570 -9.81 -21.43 -2.81
C ILE A 570 -10.79 -22.64 -3.13
N TYR A 571 -10.33 -23.86 -2.81
CA TYR A 571 -11.15 -25.07 -2.95
C TYR A 571 -12.43 -24.94 -2.11
N SER A 572 -12.27 -24.47 -0.87
CA SER A 572 -13.40 -24.26 0.04
C SER A 572 -14.38 -23.23 -0.49
N ILE A 573 -13.88 -22.14 -1.13
CA ILE A 573 -14.78 -21.22 -1.80
C ILE A 573 -15.57 -21.89 -2.91
N SER A 574 -14.91 -22.72 -3.71
CA SER A 574 -15.58 -23.32 -4.86
C SER A 574 -16.67 -24.27 -4.37
N MET A 575 -16.32 -24.96 -3.29
CA MET A 575 -17.18 -26.03 -2.69
C MET A 575 -18.45 -25.52 -2.02
N LYS A 576 -18.64 -24.21 -2.01
CA LYS A 576 -19.95 -23.63 -1.77
C LYS A 576 -20.94 -23.90 -2.93
N HIS A 577 -20.45 -24.38 -4.08
CA HIS A 577 -21.26 -24.58 -5.30
C HIS A 577 -21.13 -26.03 -5.81
N PRO A 578 -21.47 -27.03 -4.95
CA PRO A 578 -21.16 -28.44 -5.33
C PRO A 578 -21.87 -28.89 -6.57
N GLN A 579 -23.11 -28.43 -6.80
CA GLN A 579 -23.87 -28.86 -7.98
C GLN A 579 -23.16 -28.39 -9.26
N GLU A 580 -22.71 -27.14 -9.25
CA GLU A 580 -21.97 -26.62 -10.40
C GLU A 580 -20.64 -27.35 -10.64
N MET A 581 -19.93 -27.67 -9.56
CA MET A 581 -18.68 -28.40 -9.72
C MET A 581 -18.92 -29.76 -10.34
N LYS A 582 -20.03 -30.42 -9.93
CA LYS A 582 -20.45 -31.68 -10.61
C LYS A 582 -20.82 -31.50 -12.09
N THR A 583 -21.70 -30.55 -12.38
CA THR A 583 -22.15 -30.27 -13.73
C THR A 583 -21.00 -29.95 -14.67
N TYR A 584 -20.09 -29.09 -14.20
CA TYR A 584 -19.03 -28.60 -15.09
C TYR A 584 -17.72 -29.31 -14.92
N SER A 585 -17.70 -30.35 -14.09
CA SER A 585 -16.51 -31.16 -13.86
C SER A 585 -15.32 -30.30 -13.38
N VAL A 586 -15.57 -29.52 -12.35
CA VAL A 586 -14.55 -28.56 -11.85
C VAL A 586 -13.72 -29.26 -10.81
N SER A 587 -12.51 -29.60 -11.20
CA SER A 587 -11.57 -30.29 -10.34
C SER A 587 -10.39 -29.43 -9.92
N PHE A 588 -10.11 -29.41 -8.62
CA PHE A 588 -8.83 -28.82 -8.13
C PHE A 588 -7.67 -29.81 -8.03
N ASP A 589 -7.85 -31.03 -8.56
CA ASP A 589 -6.78 -32.03 -8.43
C ASP A 589 -5.43 -31.56 -8.99
N SER A 590 -5.41 -30.86 -10.15
CA SER A 590 -4.14 -30.40 -10.76
C SER A 590 -3.44 -29.42 -9.80
N LEU A 591 -4.23 -28.54 -9.17
CA LEU A 591 -3.64 -27.57 -8.25
C LEU A 591 -3.00 -28.23 -7.00
N PHE A 592 -3.75 -29.15 -6.37
CA PHE A 592 -3.17 -29.89 -5.25
C PHE A 592 -1.94 -30.72 -5.65
N SER A 593 -2.00 -31.38 -6.82
CA SER A 593 -0.82 -32.09 -7.36
C SER A 593 0.40 -31.17 -7.47
N ALA A 594 0.18 -29.99 -8.04
CA ALA A 594 1.25 -29.03 -8.20
C ALA A 594 1.84 -28.62 -6.82
N VAL A 595 0.94 -28.39 -5.86
CA VAL A 595 1.38 -27.95 -4.50
C VAL A 595 2.16 -29.08 -3.83
N LYS A 596 1.64 -30.31 -3.95
CA LYS A 596 2.40 -31.49 -3.47
C LYS A 596 3.80 -31.63 -4.08
N ASN A 597 3.90 -31.44 -5.41
CA ASN A 597 5.13 -31.46 -6.10
C ASN A 597 6.12 -30.36 -5.62
N PHE A 598 5.57 -29.15 -5.44
CA PHE A 598 6.34 -28.01 -4.99
C PHE A 598 6.93 -28.36 -3.59
N THR A 599 6.11 -28.95 -2.73
CA THR A 599 6.51 -29.30 -1.34
C THR A 599 7.68 -30.31 -1.35
N GLU A 600 7.55 -31.33 -2.20
CA GLU A 600 8.59 -32.37 -2.37
C GLU A 600 9.87 -31.84 -2.95
N ILE A 601 9.77 -31.03 -4.03
CA ILE A 601 10.95 -30.48 -4.66
C ILE A 601 11.66 -29.47 -3.72
N ALA A 602 10.85 -28.64 -3.06
CA ALA A 602 11.42 -27.60 -2.19
C ALA A 602 12.16 -28.31 -1.02
N SER A 603 11.58 -29.38 -0.51
CA SER A 603 12.27 -30.18 0.53
C SER A 603 13.64 -30.69 0.07
N LYS A 604 13.69 -31.27 -1.12
CA LYS A 604 14.93 -31.73 -1.68
C LYS A 604 15.94 -30.63 -1.95
N PHE A 605 15.45 -29.49 -2.45
CA PHE A 605 16.34 -28.38 -2.70
C PHE A 605 16.95 -27.88 -1.37
N SER A 606 16.13 -27.82 -0.33
CA SER A 606 16.61 -27.39 0.99
C SER A 606 17.75 -28.31 1.50
N GLU A 607 17.54 -29.62 1.35
CA GLU A 607 18.62 -30.61 1.63
C GLU A 607 19.92 -30.31 0.89
N ARG A 608 19.85 -30.07 -0.44
CA ARG A 608 21.03 -29.72 -1.19
C ARG A 608 21.66 -28.43 -0.74
N LEU A 609 20.83 -27.46 -0.36
CA LEU A 609 21.32 -26.15 0.04
C LEU A 609 22.14 -26.29 1.33
N GLN A 610 21.72 -27.22 2.19
CA GLN A 610 22.46 -27.48 3.40
C GLN A 610 23.69 -28.39 3.14
N ASP A 611 23.55 -29.36 2.23
CA ASP A 611 24.57 -30.39 1.93
C ASP A 611 25.62 -29.96 0.91
N PHE A 612 25.40 -28.86 0.20
CA PHE A 612 26.32 -28.59 -0.90
C PHE A 612 27.65 -28.11 -0.41
N SER A 615 32.76 -25.02 -0.40
N SER A 615 32.47 -22.21 -0.86
CA SER A 615 33.76 -24.26 -1.08
CA SER A 615 33.71 -21.54 -1.31
C SER A 615 33.48 -23.90 -2.59
C SER A 615 33.97 -21.87 -2.79
N ASN A 616 32.35 -24.32 -3.15
N ASN A 616 33.06 -22.62 -3.41
CA ASN A 616 32.09 -24.11 -4.59
CA ASN A 616 33.04 -22.78 -4.88
C ASN A 616 31.20 -22.88 -4.90
C ASN A 616 32.13 -21.68 -5.48
N PRO A 617 31.81 -21.81 -5.43
N PRO A 617 32.74 -20.59 -6.01
CA PRO A 617 31.06 -20.56 -5.59
CA PRO A 617 32.00 -19.39 -6.46
C PRO A 617 30.05 -20.66 -6.72
C PRO A 617 30.87 -19.66 -7.48
N ILE A 618 30.31 -21.52 -7.71
N ILE A 618 31.10 -20.48 -8.50
CA ILE A 618 29.37 -21.74 -8.82
CA ILE A 618 30.01 -20.73 -9.46
C ILE A 618 28.07 -22.44 -8.40
C ILE A 618 28.90 -21.55 -8.88
N VAL A 619 28.23 -23.49 -7.59
N VAL A 619 29.22 -22.56 -8.08
CA VAL A 619 27.09 -24.20 -7.00
CA VAL A 619 28.16 -23.37 -7.52
C VAL A 619 26.33 -23.28 -6.04
C VAL A 619 27.30 -22.55 -6.54
N LEU A 620 27.07 -22.54 -5.21
N LEU A 620 27.96 -21.67 -5.81
CA LEU A 620 26.46 -21.54 -4.33
CA LEU A 620 27.25 -20.77 -4.91
C LEU A 620 25.60 -20.56 -5.14
C LEU A 620 26.36 -19.86 -5.75
N ARG A 621 26.17 -19.96 -6.20
N ARG A 621 26.89 -19.34 -6.84
CA ARG A 621 25.49 -18.87 -6.92
CA ARG A 621 26.08 -18.53 -7.77
C ARG A 621 24.42 -19.49 -7.75
C ARG A 621 24.77 -19.22 -8.28
N MET A 622 24.75 -20.58 -8.45
CA MET A 622 23.61 -21.37 -8.97
C MET A 622 22.44 -21.53 -7.98
N MET A 623 22.73 -21.90 -6.72
CA MET A 623 21.70 -22.07 -5.75
C MET A 623 21.09 -20.69 -5.35
N ASN A 624 21.96 -19.68 -5.25
CA ASN A 624 21.45 -18.30 -4.93
C ASN A 624 20.51 -17.82 -6.07
N ASP A 625 20.89 -18.12 -7.32
CA ASP A 625 20.06 -17.78 -8.48
C ASP A 625 18.74 -18.54 -8.42
N GLN A 626 18.75 -19.84 -8.03
CA GLN A 626 17.47 -20.57 -7.90
C GLN A 626 16.58 -19.89 -6.83
N LEU A 627 17.21 -19.45 -5.73
CA LEU A 627 16.47 -18.74 -4.65
C LEU A 627 15.92 -17.37 -5.12
N MET A 628 16.76 -16.62 -5.84
CA MET A 628 16.37 -15.27 -6.34
C MET A 628 15.25 -15.37 -7.37
N PHE A 629 15.39 -16.29 -8.31
CA PHE A 629 14.34 -16.51 -9.37
C PHE A 629 13.10 -17.29 -8.98
N LEU A 630 13.02 -17.77 -7.72
CA LEU A 630 11.85 -18.47 -7.30
C LEU A 630 10.63 -17.53 -7.27
N GLU A 631 10.78 -16.34 -6.62
CA GLU A 631 9.66 -15.37 -6.64
C GLU A 631 9.36 -15.03 -8.15
N ARG A 632 10.40 -14.93 -8.97
CA ARG A 632 10.26 -14.56 -10.38
C ARG A 632 9.37 -15.58 -11.10
N ALA A 633 9.47 -16.85 -10.69
CA ALA A 633 8.74 -17.90 -11.37
C ALA A 633 7.23 -17.83 -11.23
N PHE A 634 6.70 -17.10 -10.21
CA PHE A 634 5.27 -16.99 -10.06
C PHE A 634 4.69 -15.90 -10.99
N ILE A 635 5.54 -15.23 -11.76
CA ILE A 635 5.05 -14.24 -12.75
C ILE A 635 4.52 -14.95 -13.98
N ASP A 636 3.36 -14.51 -14.44
CA ASP A 636 2.80 -14.94 -15.74
C ASP A 636 2.95 -13.78 -16.71
N PRO A 637 3.68 -13.98 -17.81
CA PRO A 637 3.94 -12.83 -18.73
C PRO A 637 2.66 -12.27 -19.41
N LEU A 638 1.55 -13.01 -19.37
CA LEU A 638 0.30 -12.53 -19.95
C LEU A 638 -0.53 -11.72 -18.92
N GLY A 639 -0.04 -11.68 -17.67
CA GLY A 639 -0.76 -10.98 -16.60
C GLY A 639 -2.08 -11.60 -16.16
N LEU A 640 -2.74 -10.96 -15.19
CA LEU A 640 -4.07 -11.46 -14.76
C LEU A 640 -5.15 -10.86 -15.65
N PRO A 641 -6.38 -11.47 -15.66
CA PRO A 641 -7.41 -10.97 -16.59
C PRO A 641 -7.74 -9.48 -16.47
N ASP A 642 -7.59 -8.76 -17.58
CA ASP A 642 -7.79 -7.30 -17.71
C ASP A 642 -6.95 -6.46 -16.75
N ARG A 643 -5.91 -7.08 -16.16
CA ARG A 643 -4.97 -6.34 -15.28
C ARG A 643 -3.52 -6.79 -15.66
N PRO A 644 -3.05 -6.31 -16.83
CA PRO A 644 -1.78 -6.76 -17.44
C PRO A 644 -0.54 -6.46 -16.60
N PHE A 645 -0.63 -5.49 -15.72
CA PHE A 645 0.49 -5.14 -14.80
C PHE A 645 0.45 -5.85 -13.41
N TYR A 646 -0.57 -6.69 -13.17
CA TYR A 646 -0.54 -7.55 -12.01
C TYR A 646 -0.25 -8.94 -12.61
N ARG A 647 0.99 -9.39 -12.45
CA ARG A 647 1.39 -10.59 -13.17
C ARG A 647 1.71 -11.79 -12.22
N HIS A 648 1.74 -11.56 -10.92
CA HIS A 648 1.96 -12.64 -9.97
C HIS A 648 0.71 -13.49 -9.87
N VAL A 649 0.90 -14.79 -9.99
CA VAL A 649 -0.24 -15.72 -9.98
C VAL A 649 -0.72 -16.13 -8.57
N ILE A 650 0.15 -16.01 -7.56
CA ILE A 650 -0.24 -16.42 -6.22
C ILE A 650 -0.86 -15.24 -5.47
N TYR A 651 -0.36 -14.02 -5.69
CA TYR A 651 -0.89 -12.83 -4.95
C TYR A 651 -1.30 -11.74 -5.94
N ALA A 652 -2.31 -10.95 -5.62
CA ALA A 652 -2.55 -9.69 -6.37
C ALA A 652 -3.29 -8.80 -5.37
N PRO A 653 -3.26 -7.49 -5.61
CA PRO A 653 -4.13 -6.60 -4.85
C PRO A 653 -5.57 -7.03 -5.07
N SER A 654 -6.36 -7.08 -3.99
CA SER A 654 -7.79 -7.40 -4.11
C SER A 654 -8.48 -6.49 -5.11
N SER A 655 -9.28 -7.07 -6.02
CA SER A 655 -10.05 -6.26 -7.01
C SER A 655 -11.12 -5.38 -6.29
N HIS A 656 -11.38 -5.65 -5.01
CA HIS A 656 -12.39 -4.85 -4.21
C HIS A 656 -11.69 -3.89 -3.26
N ASN A 657 -10.37 -4.02 -3.12
CA ASN A 657 -9.64 -3.22 -2.12
C ASN A 657 -8.16 -3.32 -2.39
N LYS A 658 -7.61 -2.32 -3.10
CA LYS A 658 -6.16 -2.30 -3.47
C LYS A 658 -5.23 -2.53 -2.31
N TYR A 659 -5.64 -2.14 -1.07
CA TYR A 659 -4.75 -2.28 0.06
C TYR A 659 -4.52 -3.73 0.53
N ALA A 660 -5.45 -4.59 0.18
CA ALA A 660 -5.50 -5.97 0.70
C ALA A 660 -4.88 -6.92 -0.34
N GLY A 661 -4.08 -7.86 0.12
CA GLY A 661 -3.56 -8.89 -0.82
C GLY A 661 -4.63 -9.97 -0.92
N GLU A 662 -4.74 -10.57 -2.11
CA GLU A 662 -5.66 -11.70 -2.34
C GLU A 662 -4.78 -12.88 -2.80
N SER A 663 -5.08 -14.11 -2.33
CA SER A 663 -4.29 -15.29 -2.84
C SER A 663 -5.04 -16.01 -3.97
N PHE A 664 -4.29 -16.71 -4.82
CA PHE A 664 -4.85 -17.22 -6.10
C PHE A 664 -5.90 -16.29 -6.70
N PRO A 665 -5.48 -15.03 -6.96
CA PRO A 665 -6.42 -13.99 -7.35
C PRO A 665 -7.20 -14.33 -8.62
N GLY A 666 -6.57 -15.05 -9.57
CA GLY A 666 -7.26 -15.32 -10.84
C GLY A 666 -8.44 -16.25 -10.59
N ILE A 667 -8.21 -17.29 -9.78
CA ILE A 667 -9.32 -18.20 -9.42
C ILE A 667 -10.34 -17.47 -8.50
N TYR A 668 -9.84 -16.71 -7.53
CA TYR A 668 -10.72 -15.95 -6.65
C TYR A 668 -11.70 -15.07 -7.43
N ASP A 669 -11.19 -14.23 -8.33
CA ASP A 669 -12.04 -13.37 -9.11
C ASP A 669 -12.95 -14.15 -10.03
N ALA A 670 -12.50 -15.28 -10.56
CA ALA A 670 -13.38 -16.12 -11.41
C ALA A 670 -14.60 -16.66 -10.60
N LEU A 671 -14.36 -16.94 -9.34
CA LEU A 671 -15.39 -17.48 -8.40
C LEU A 671 -16.28 -16.38 -7.77
N PHE A 672 -15.78 -15.16 -7.72
CA PHE A 672 -16.47 -14.14 -6.94
C PHE A 672 -17.87 -13.85 -7.53
N ASP A 673 -18.89 -13.95 -6.68
CA ASP A 673 -20.29 -13.59 -7.09
C ASP A 673 -20.74 -14.43 -8.31
N ILE A 674 -20.23 -15.65 -8.45
CA ILE A 674 -20.41 -16.43 -9.68
C ILE A 674 -21.89 -16.86 -9.81
N GLU A 675 -22.57 -17.03 -8.68
CA GLU A 675 -24.00 -17.41 -8.72
C GLU A 675 -24.86 -16.38 -9.44
N SER A 676 -24.33 -15.15 -9.61
CA SER A 676 -25.02 -14.05 -10.32
C SER A 676 -24.72 -13.94 -11.80
N LYS A 677 -23.86 -14.81 -12.32
CA LYS A 677 -23.46 -14.72 -13.72
C LYS A 677 -24.55 -15.33 -14.60
N VAL A 678 -24.77 -14.69 -15.73
CA VAL A 678 -25.87 -15.05 -16.63
C VAL A 678 -25.61 -16.37 -17.40
N ASP A 679 -24.33 -16.66 -17.66
CA ASP A 679 -23.95 -17.86 -18.42
C ASP A 679 -23.05 -18.71 -17.52
N PRO A 680 -23.65 -19.59 -16.71
CA PRO A 680 -22.87 -20.38 -15.76
C PRO A 680 -21.84 -21.26 -16.44
N SER A 681 -22.15 -21.79 -17.62
CA SER A 681 -21.22 -22.61 -18.38
C SER A 681 -19.90 -21.87 -18.64
N LYS A 682 -20.05 -20.66 -19.17
CA LYS A 682 -18.95 -19.76 -19.43
C LYS A 682 -18.18 -19.39 -18.16
N ALA A 683 -18.91 -19.04 -17.10
CA ALA A 683 -18.29 -18.62 -15.82
C ALA A 683 -17.48 -19.76 -15.19
N TRP A 684 -18.04 -20.97 -15.16
CA TRP A 684 -17.30 -22.12 -14.64
C TRP A 684 -16.13 -22.56 -15.55
N GLY A 685 -16.26 -22.38 -16.85
CA GLY A 685 -15.18 -22.64 -17.80
C GLY A 685 -13.99 -21.74 -17.43
N GLU A 686 -14.30 -20.48 -17.09
CA GLU A 686 -13.25 -19.54 -16.67
C GLU A 686 -12.60 -19.92 -15.34
N VAL A 687 -13.40 -20.41 -14.35
CA VAL A 687 -12.83 -20.94 -13.11
C VAL A 687 -11.84 -22.05 -13.47
N LYS A 688 -12.29 -22.99 -14.29
CA LYS A 688 -11.40 -24.07 -14.72
C LYS A 688 -10.10 -23.59 -15.41
N ARG A 689 -10.24 -22.62 -16.33
CA ARG A 689 -9.06 -22.01 -16.96
C ARG A 689 -8.08 -21.49 -15.92
N GLN A 690 -8.62 -20.77 -14.95
CA GLN A 690 -7.76 -20.22 -13.84
C GLN A 690 -7.10 -21.28 -12.94
N ILE A 691 -7.84 -22.37 -12.63
CA ILE A 691 -7.22 -23.48 -11.95
C ILE A 691 -6.02 -24.01 -12.73
N TYR A 692 -6.17 -24.24 -14.04
CA TYR A 692 -5.09 -24.69 -14.95
C TYR A 692 -3.88 -23.72 -14.89
N VAL A 693 -4.14 -22.44 -15.07
CA VAL A 693 -3.06 -21.47 -15.03
C VAL A 693 -2.30 -21.55 -13.69
N ALA A 694 -3.06 -21.62 -12.59
CA ALA A 694 -2.47 -21.69 -11.22
C ALA A 694 -1.66 -22.96 -11.02
N ALA A 695 -2.23 -24.12 -11.41
CA ALA A 695 -1.53 -25.42 -11.27
C ALA A 695 -0.24 -25.43 -12.10
N PHE A 696 -0.35 -24.94 -13.34
CA PHE A 696 0.81 -24.85 -14.22
C PHE A 696 1.90 -23.98 -13.62
N THR A 697 1.50 -22.82 -13.07
CA THR A 697 2.53 -21.85 -12.60
C THR A 697 3.18 -22.42 -11.33
N VAL A 698 2.39 -23.02 -10.44
CA VAL A 698 2.99 -23.66 -9.23
C VAL A 698 4.00 -24.75 -9.61
N GLN A 699 3.62 -25.61 -10.58
CA GLN A 699 4.52 -26.67 -11.06
C GLN A 699 5.78 -26.10 -11.73
N ALA A 700 5.60 -25.02 -12.50
CA ALA A 700 6.72 -24.43 -13.23
C ALA A 700 7.71 -23.83 -12.20
N ALA A 701 7.13 -23.19 -11.16
CA ALA A 701 7.97 -22.59 -10.09
C ALA A 701 8.75 -23.71 -9.36
N ALA A 702 8.03 -24.75 -8.96
CA ALA A 702 8.63 -25.96 -8.39
C ALA A 702 9.85 -26.44 -9.20
N GLU A 703 9.67 -26.59 -10.53
CA GLU A 703 10.69 -27.07 -11.43
C GLU A 703 11.94 -26.18 -11.50
N THR A 704 11.85 -24.90 -11.06
CA THR A 704 13.05 -24.06 -11.05
C THR A 704 14.00 -24.49 -9.92
N LEU A 705 13.43 -25.20 -8.95
CA LEU A 705 14.18 -25.69 -7.76
C LEU A 705 14.70 -27.11 -7.97
N SER A 706 14.25 -27.77 -9.06
CA SER A 706 14.86 -29.08 -9.40
C SER A 706 16.36 -28.95 -9.73
N GLU A 707 17.12 -30.08 -9.67
CA GLU A 707 18.48 -30.03 -10.22
C GLU A 707 18.43 -29.52 -11.68
N VAL A 708 19.38 -28.66 -12.00
CA VAL A 708 19.35 -27.85 -13.23
C VAL A 708 19.66 -28.66 -14.50
N ALA A 709 20.30 -29.83 -14.31
CA ALA A 709 20.69 -30.69 -15.45
C ALA A 709 21.16 -32.05 -14.88
C1 NAG B . 17.43 20.19 7.19
C2 NAG B . 17.31 21.71 7.35
C3 NAG B . 18.22 22.45 6.36
C4 NAG B . 19.63 21.88 6.26
C5 NAG B . 19.59 20.36 6.23
C6 NAG B . 21.00 19.75 6.28
C7 NAG B . 15.25 22.51 8.31
C8 NAG B . 13.86 22.99 8.11
N2 NAG B . 15.95 22.18 7.21
O3 NAG B . 18.33 23.77 6.79
O4 NAG B . 20.16 22.36 5.03
O5 NAG B . 18.80 19.86 7.31
O6 NAG B . 21.55 19.98 7.56
O7 NAG B . 15.69 22.40 9.46
C1 NAG B . 21.44 22.99 5.26
C2 NAG B . 22.14 23.07 3.89
C3 NAG B . 23.35 24.01 3.90
C4 NAG B . 23.02 25.35 4.55
C5 NAG B . 22.41 25.12 5.96
C6 NAG B . 21.93 26.44 6.56
C7 NAG B . 22.07 20.88 2.65
C8 NAG B . 20.84 21.31 1.93
N2 NAG B . 22.62 21.74 3.52
O3 NAG B . 23.78 24.16 2.55
O4 NAG B . 24.17 26.18 4.63
O5 NAG B . 21.28 24.25 5.89
O6 NAG B . 21.01 27.03 5.66
O7 NAG B . 22.55 19.75 2.44
C1 NAG C . -21.75 29.60 -0.31
C2 NAG C . -22.49 30.80 0.34
C3 NAG C . -23.21 31.63 -0.72
C4 NAG C . -22.32 31.94 -1.94
C5 NAG C . -21.47 30.72 -2.37
C6 NAG C . -20.41 31.07 -3.41
C7 NAG C . -23.36 30.43 2.57
C8 NAG C . -24.45 29.82 3.41
N2 NAG C . -23.49 30.32 1.26
O3 NAG C . -23.67 32.83 -0.10
O4 NAG C . -23.16 32.38 -3.01
O5 NAG C . -20.83 30.15 -1.24
O6 NAG C . -19.47 32.03 -2.96
O7 NAG C . -22.43 31.01 3.12
C1 NAG C . -22.64 33.58 -3.60
C2 NAG C . -23.29 33.69 -4.97
C3 NAG C . -22.95 35.03 -5.62
C4 NAG C . -23.20 36.19 -4.65
C5 NAG C . -22.40 35.96 -3.36
C6 NAG C . -22.58 37.07 -2.34
C7 NAG C . -23.37 31.37 -5.99
C8 NAG C . -24.80 31.08 -5.62
N2 NAG C . -22.84 32.60 -5.83
O3 NAG C . -23.74 35.21 -6.77
O4 NAG C . -22.92 37.44 -5.28
O5 NAG C . -22.84 34.73 -2.79
O6 NAG C . -23.91 37.01 -1.85
O7 NAG C . -22.70 30.45 -6.46
C1 NAG D . 16.71 -19.17 10.97
C2 NAG D . 17.44 -19.46 9.64
C3 NAG D . 17.53 -20.98 9.54
C4 NAG D . 18.12 -21.64 10.80
C5 NAG D . 17.39 -21.15 12.05
C6 NAG D . 18.00 -21.64 13.40
C7 NAG D . 17.20 -18.08 7.59
C8 NAG D . 18.59 -17.66 7.81
N2 NAG D . 16.73 -18.94 8.48
O3 NAG D . 18.32 -21.26 8.41
O4 NAG D . 17.97 -23.04 10.68
O5 NAG D . 17.54 -19.72 11.99
O6 NAG D . 19.37 -21.31 13.38
O7 NAG D . 16.55 -17.66 6.56
C1 NAG D . 19.24 -23.69 10.87
C2 NAG D . 18.90 -25.17 10.98
C3 NAG D . 20.17 -26.03 11.10
C4 NAG D . 21.16 -25.64 10.01
C5 NAG D . 21.39 -24.12 10.12
C6 NAG D . 22.47 -23.57 9.21
C7 NAG D . 16.73 -25.56 12.02
C8 NAG D . 16.09 -25.73 10.69
N2 NAG D . 18.05 -25.37 12.12
O3 NAG D . 19.85 -27.39 11.01
O4 NAG D . 22.34 -26.42 10.13
O5 NAG D . 20.16 -23.49 9.81
O6 NAG D . 22.30 -24.17 7.94
O7 NAG D . 16.01 -25.58 13.04
C1 NAG E . 3.47 -33.73 -10.14
C2 NAG E . 2.85 -33.28 -11.48
C3 NAG E . 2.45 -34.54 -12.28
C4 NAG E . 3.64 -35.51 -12.43
C5 NAG E . 4.37 -35.73 -11.11
C6 NAG E . 5.72 -36.42 -11.40
C7 NAG E . 1.53 -31.29 -12.07
C8 NAG E . 0.28 -30.50 -11.79
N2 NAG E . 1.75 -32.34 -11.29
O3 NAG E . 1.89 -34.19 -13.52
O4 NAG E . 3.25 -36.82 -12.84
O5 NAG E . 4.62 -34.51 -10.41
O6 NAG E . 6.08 -37.12 -10.22
O7 NAG E . 2.32 -31.02 -13.00
C1 NAG E . 3.02 -36.91 -14.23
C2 NAG E . 3.56 -38.23 -14.77
C3 NAG E . 3.09 -38.46 -16.22
C4 NAG E . 1.59 -38.26 -16.34
C5 NAG E . 1.32 -36.84 -15.83
C6 NAG E . -0.11 -36.37 -16.04
C7 NAG E . 5.72 -39.02 -13.81
C8 NAG E . 4.98 -39.92 -12.86
N2 NAG E . 5.01 -38.24 -14.66
O3 NAG E . 3.51 -39.74 -16.68
O4 NAG E . 1.07 -38.28 -17.67
O5 NAG E . 1.64 -36.81 -14.44
O6 NAG E . -0.89 -37.21 -15.23
O7 NAG E . 6.95 -39.02 -13.81
C1 BMA E . 0.80 -39.57 -18.18
C2 BMA E . -0.41 -39.48 -19.11
C3 BMA E . -0.62 -40.82 -19.81
C4 BMA E . 0.71 -41.23 -20.47
C5 BMA E . 1.87 -41.18 -19.47
C6 BMA E . 3.24 -41.44 -20.11
O2 BMA E . -0.16 -38.47 -20.09
O3 BMA E . -1.63 -40.61 -20.77
O4 BMA E . 0.59 -42.47 -21.13
O5 BMA E . 1.93 -39.88 -18.92
O6 BMA E . 4.26 -41.28 -19.14
C1 MAN E . -2.59 -41.69 -20.76
C2 MAN E . -3.42 -41.58 -22.05
C3 MAN E . -4.36 -40.38 -22.01
C4 MAN E . -5.16 -40.31 -20.70
C5 MAN E . -4.20 -40.47 -19.51
C6 MAN E . -4.92 -40.40 -18.16
O2 MAN E . -4.18 -42.76 -22.15
O3 MAN E . -5.29 -40.41 -23.07
O4 MAN E . -5.86 -39.07 -20.61
O5 MAN E . -3.45 -41.67 -19.63
O6 MAN E . -5.93 -41.40 -18.15
C1 NAG F . -8.41 28.67 -12.22
C2 NAG F . -8.17 28.40 -13.70
C3 NAG F . -8.22 29.65 -14.60
C4 NAG F . -9.41 30.56 -14.29
C5 NAG F . -10.27 30.12 -13.08
C6 NAG F . -11.50 29.27 -13.51
C7 NAG F . -6.85 26.50 -14.37
C8 NAG F . -8.09 25.95 -15.02
N2 NAG F . -6.91 27.72 -13.83
O3 NAG F . -8.41 29.20 -15.92
O4 NAG F . -8.99 31.92 -14.14
O5 NAG F . -9.55 29.50 -11.99
O6 NAG F . -11.71 29.21 -14.92
O7 NAG F . -5.83 25.82 -14.35
C1 NAG G . -31.76 2.84 -12.21
C2 NAG G . -32.32 1.78 -13.14
C3 NAG G . -31.86 2.15 -14.55
C4 NAG G . -32.46 3.52 -14.93
C5 NAG G . -32.13 4.60 -13.89
C6 NAG G . -33.02 5.86 -14.01
C7 NAG G . -32.67 -0.37 -12.02
C8 NAG G . -32.34 -1.84 -12.04
N2 NAG G . -31.91 0.43 -12.78
O3 NAG G . -32.26 1.15 -15.47
O4 NAG G . -31.94 3.91 -16.19
O5 NAG G . -32.25 4.13 -12.55
O6 NAG G . -33.28 6.26 -15.34
O7 NAG G . -33.59 0.04 -11.31
C1 NAG H . 0.79 4.91 23.02
C2 NAG H . -0.59 5.31 22.49
C3 NAG H . -1.55 5.70 23.63
C4 NAG H . -1.58 4.63 24.73
C5 NAG H . -0.15 4.24 25.15
C6 NAG H . -0.14 3.05 26.12
C7 NAG H . -1.03 6.16 20.28
C8 NAG H . -0.97 7.28 19.31
N2 NAG H . -0.44 6.34 21.46
O3 NAG H . -2.89 5.83 23.16
O4 NAG H . -2.39 5.03 25.84
O5 NAG H . 0.64 3.90 24.00
O6 NAG H . -1.08 2.04 25.79
O7 NAG H . -1.63 5.12 19.96
ZN ZN I . -0.33 8.64 2.15
ZN ZN J . 2.89 6.84 2.42
CA CA K . 5.05 4.89 -17.41
CL CL L . 6.09 0.28 4.66
C2 BIX M . -1.35 2.48 3.37
C5 BIX M . 0.07 4.42 2.49
C3 BIX M . -0.02 1.80 3.57
C4 BIX M . -1.26 3.70 2.42
C1 BIX M . -0.45 5.28 -0.34
O1 BIX M . 0.61 1.99 4.62
OE2 BIX M . -2.28 5.02 -5.12
CD BIX M . -2.05 4.12 -4.28
OE1 BIX M . -2.02 2.92 -4.62
CG BIX M . -1.76 4.40 -2.79
CB BIX M . -1.58 5.91 -2.59
CA BIX M . -1.47 6.26 -1.07
C BIX M . -2.87 6.20 -0.49
OC BIX M . -3.67 7.19 -0.62
O BIX M . -3.23 5.16 0.06
P6 BIX M . -0.07 5.83 1.38
O61 BIX M . -1.23 6.77 1.87
O6 BIX M . 1.26 6.50 1.31
N BIX M . -1.73 2.94 4.71
O3 BIX M . 0.42 1.07 2.72
#